data_1CJY
#
_entry.id   1CJY
#
_cell.length_a   153.590
_cell.length_b   95.490
_cell.length_c   139.130
_cell.angle_alpha   90.00
_cell.angle_beta   90.00
_cell.angle_gamma   90.00
#
_symmetry.space_group_name_H-M   'P 21 21 2'
#
loop_
_entity.id
_entity.type
_entity.pdbx_description
1 polymer 'PROTEIN (CYTOSOLIC PHOSPHOLIPASE A2)'
2 non-polymer 'CALCIUM ION'
3 non-polymer '2-(N-MORPHOLINO)-ETHANESULFONIC ACID'
4 water water
#
_entity_poly.entity_id   1
_entity_poly.type   'polypeptide(L)'
_entity_poly.pdbx_seq_one_letter_code
;MSFIDPYQHIIVEHQYSHKFTVVVLRATKVTKGAFGDMLDTPDPYVELFISTTPDSRKRTRHFNNDINPVWNETFEFILD
PNQENVLEITLMDANYVMDETLGTATFTVSSMKVGEKKEVPFIFNQVTEMVLEMSLEVCSCPDLRFSMALCDQEKTFRQQ
RKEHIRESMKKLLGPKNSEGLHSARDVPVVAILGSGGGFRAMVGFSGVMKALYESGILDCATYVAGLSGSTWYMSTLYSH
PDFPEKGPEEINEELMKNVSHNPLLLLTPQKVKRYVESLWKKKSSGQPVTFTDIFGMLIGETLIHNRMNTTLSSLKEKVN
TAQCPLPLFTCLHVKPDVSELMFADWVEFSPYEIGMAKYGTFMAPDLFGSKFFMGTVVKKYEENPLHFLMGVWGSAFSIL
FNRVLGVSGSQSRGSTMEEELENITTKHIVSNDSSDSDDESHEPKGTENEDAGSDYQSDNQASWIHRMIMALVSDSALFN
TREGRAGKVHNFMLGLNLNTSYPLSPLSDFATQDSFDDDELDAAVADPDEFERIYEPLDVKSKKIHVVDSGLTFNLPYPL
ILRPQRGVDLIISFDFSARPSDSSPPFKELLLAEKWAKMNKLPFPKIDPYVFDREGLKECYVFKPKNPDMEKDCPTIIHF
VLANINFRKYKAPGVPRETEEEKEIADFDIFDDPESPFSTFNFQYPNQAFKRLHDLMHFNTLNNIDVIKEAMVESIEYRR
QNPSRCSVSLSNVEARRFFNKEFLSKPKA
;
_entity_poly.pdbx_strand_id   A,B
#
# COMPACT_ATOMS: atom_id res chain seq x y z
N GLU A 13 -14.65 34.85 -18.74
CA GLU A 13 -14.83 33.47 -18.20
C GLU A 13 -16.30 33.01 -18.27
N HIS A 14 -16.59 31.88 -17.66
CA HIS A 14 -17.94 31.34 -17.64
C HIS A 14 -18.70 31.94 -16.46
N GLN A 15 -18.46 31.41 -15.27
CA GLN A 15 -19.09 31.90 -14.03
C GLN A 15 -18.89 30.94 -12.87
N TYR A 16 -19.37 29.71 -13.04
CA TYR A 16 -19.26 28.69 -12.00
C TYR A 16 -19.63 29.25 -10.63
N SER A 17 -20.91 29.61 -10.50
CA SER A 17 -21.42 30.15 -9.25
C SER A 17 -22.53 29.22 -8.76
N HIS A 18 -22.79 29.24 -7.45
CA HIS A 18 -23.81 28.38 -6.86
C HIS A 18 -25.02 29.11 -6.30
N LYS A 19 -26.15 28.42 -6.28
CA LYS A 19 -27.37 28.95 -5.73
C LYS A 19 -27.62 28.18 -4.44
N PHE A 20 -27.22 28.79 -3.32
CA PHE A 20 -27.39 28.18 -2.00
C PHE A 20 -28.71 28.62 -1.38
N THR A 21 -29.69 27.72 -1.41
CA THR A 21 -31.00 28.01 -0.86
C THR A 21 -31.10 27.63 0.63
N VAL A 22 -31.96 28.32 1.36
CA VAL A 22 -32.14 28.07 2.79
C VAL A 22 -33.59 28.21 3.22
N VAL A 23 -34.11 27.18 3.88
CA VAL A 23 -35.46 27.24 4.35
C VAL A 23 -35.46 27.25 5.88
N VAL A 24 -36.10 28.26 6.45
CA VAL A 24 -36.19 28.37 7.90
C VAL A 24 -37.59 27.84 8.22
N LEU A 25 -37.64 26.59 8.65
CA LEU A 25 -38.90 25.94 8.96
C LEU A 25 -39.49 26.40 10.29
N ARG A 26 -38.96 25.88 11.38
CA ARG A 26 -39.46 26.26 12.69
C ARG A 26 -38.47 25.98 13.81
N ALA A 27 -38.86 26.34 15.03
CA ALA A 27 -38.03 26.14 16.20
C ALA A 27 -38.92 25.77 17.39
N THR A 28 -38.33 25.05 18.34
CA THR A 28 -39.04 24.63 19.54
C THR A 28 -38.24 24.95 20.78
N LYS A 29 -38.95 25.37 21.83
CA LYS A 29 -38.33 25.69 23.11
C LYS A 29 -37.54 26.99 23.06
N VAL A 30 -38.13 28.03 22.48
CA VAL A 30 -37.45 29.31 22.41
C VAL A 30 -37.56 29.90 23.81
N THR A 31 -36.43 30.03 24.49
CA THR A 31 -36.47 30.56 25.85
C THR A 31 -35.31 31.48 26.18
N LYS A 32 -35.53 32.33 27.20
CA LYS A 32 -34.53 33.25 27.68
C LYS A 32 -34.34 32.87 29.13
N GLY A 33 -35.02 31.80 29.53
CA GLY A 33 -34.96 31.34 30.89
C GLY A 33 -36.35 31.54 31.49
N ALA A 34 -36.63 30.89 32.61
CA ALA A 34 -37.93 31.02 33.26
C ALA A 34 -38.24 32.47 33.59
N PHE A 35 -37.25 33.18 34.12
CA PHE A 35 -37.44 34.59 34.49
C PHE A 35 -37.57 35.45 33.24
N GLY A 36 -36.59 35.35 32.35
CA GLY A 36 -36.61 36.12 31.12
C GLY A 36 -37.94 35.97 30.40
N ASP A 37 -38.44 34.73 30.34
CA ASP A 37 -39.69 34.46 29.66
C ASP A 37 -40.89 35.08 30.35
N MET A 38 -40.89 35.08 31.69
CA MET A 38 -41.99 35.68 32.45
C MET A 38 -42.05 37.17 32.11
N LEU A 39 -40.88 37.81 32.01
CA LEU A 39 -40.80 39.24 31.69
C LEU A 39 -41.22 39.53 30.26
N ASP A 40 -40.90 38.61 29.35
CA ASP A 40 -41.25 38.80 27.94
C ASP A 40 -41.23 37.47 27.17
N THR A 41 -42.41 37.00 26.82
CA THR A 41 -42.53 35.76 26.06
C THR A 41 -41.84 36.03 24.73
N PRO A 42 -40.84 35.20 24.38
CA PRO A 42 -40.10 35.36 23.12
C PRO A 42 -40.97 35.67 21.88
N ASP A 43 -40.47 36.58 21.05
CA ASP A 43 -41.13 36.97 19.81
C ASP A 43 -40.05 36.68 18.77
N PRO A 44 -39.78 35.40 18.51
CA PRO A 44 -38.77 34.89 17.58
C PRO A 44 -38.80 35.25 16.11
N TYR A 45 -37.60 35.31 15.56
CA TYR A 45 -37.36 35.55 14.14
C TYR A 45 -35.91 35.16 13.92
N VAL A 46 -35.62 34.61 12.75
CA VAL A 46 -34.27 34.18 12.43
C VAL A 46 -33.63 35.13 11.44
N GLU A 47 -32.32 35.31 11.55
CA GLU A 47 -31.61 36.19 10.65
C GLU A 47 -30.42 35.43 10.09
N LEU A 48 -30.25 35.47 8.77
CA LEU A 48 -29.17 34.79 8.07
C LEU A 48 -28.20 35.81 7.48
N PHE A 49 -26.92 35.46 7.43
CA PHE A 49 -25.92 36.36 6.88
C PHE A 49 -24.72 35.60 6.32
N ILE A 50 -24.21 36.06 5.18
CA ILE A 50 -23.05 35.45 4.53
C ILE A 50 -22.14 36.60 4.12
N SER A 51 -21.06 36.82 4.86
CA SER A 51 -20.15 37.91 4.58
C SER A 51 -19.51 37.91 3.20
N THR A 52 -19.59 36.79 2.49
CA THR A 52 -18.97 36.69 1.18
C THR A 52 -19.87 36.88 -0.04
N THR A 53 -20.91 37.69 0.09
CA THR A 53 -21.81 37.96 -1.01
C THR A 53 -22.58 39.24 -0.75
N PRO A 54 -22.73 40.09 -1.78
CA PRO A 54 -23.45 41.35 -1.62
C PRO A 54 -24.80 41.27 -0.93
N ASP A 55 -24.92 42.08 0.13
CA ASP A 55 -26.13 42.19 0.93
C ASP A 55 -26.89 40.89 1.05
N SER A 56 -26.36 40.02 1.91
CA SER A 56 -26.95 38.72 2.15
C SER A 56 -27.81 38.72 3.40
N ARG A 57 -27.70 39.76 4.22
CA ARG A 57 -28.49 39.84 5.43
C ARG A 57 -29.98 39.68 5.14
N LYS A 58 -30.56 38.61 5.69
CA LYS A 58 -31.96 38.32 5.50
C LYS A 58 -32.57 37.85 6.81
N ARG A 59 -33.87 38.09 7.00
CA ARG A 59 -34.52 37.68 8.23
C ARG A 59 -35.95 37.22 8.02
N THR A 60 -36.34 36.22 8.79
CA THR A 60 -37.69 35.69 8.72
C THR A 60 -38.55 36.72 9.42
N ARG A 61 -39.86 36.56 9.36
CA ARG A 61 -40.74 37.49 10.04
C ARG A 61 -40.77 37.02 11.50
N HIS A 62 -41.20 37.88 12.42
CA HIS A 62 -41.25 37.49 13.82
C HIS A 62 -42.64 37.00 14.23
N PHE A 63 -42.68 36.25 15.32
CA PHE A 63 -43.95 35.75 15.85
C PHE A 63 -44.14 36.19 17.29
N ASN A 64 -45.11 37.08 17.50
CA ASN A 64 -45.42 37.61 18.83
C ASN A 64 -45.72 36.55 19.87
N ASN A 65 -44.93 36.55 20.94
CA ASN A 65 -45.10 35.61 22.06
C ASN A 65 -45.29 34.16 21.63
N ASP A 66 -44.37 33.65 20.82
CA ASP A 66 -44.42 32.28 20.34
C ASP A 66 -43.14 31.55 20.72
N ILE A 67 -43.25 30.42 21.40
CA ILE A 67 -42.06 29.67 21.80
C ILE A 67 -41.84 28.49 20.89
N ASN A 68 -42.83 28.22 20.05
CA ASN A 68 -42.76 27.13 19.08
C ASN A 68 -43.25 27.68 17.74
N PRO A 69 -42.44 28.55 17.12
CA PRO A 69 -42.73 29.19 15.84
C PRO A 69 -42.47 28.35 14.59
N VAL A 70 -43.35 28.50 13.61
CA VAL A 70 -43.23 27.79 12.34
C VAL A 70 -43.23 28.82 11.20
N TRP A 71 -42.03 29.18 10.77
CA TRP A 71 -41.81 30.17 9.71
C TRP A 71 -42.04 29.61 8.31
N ASN A 72 -41.24 28.62 7.94
CA ASN A 72 -41.31 28.00 6.63
C ASN A 72 -41.06 29.08 5.57
N GLU A 73 -39.90 29.72 5.66
CA GLU A 73 -39.53 30.78 4.72
C GLU A 73 -38.25 30.39 3.99
N THR A 74 -38.22 30.72 2.70
CA THR A 74 -37.08 30.38 1.86
C THR A 74 -36.25 31.59 1.46
N PHE A 75 -34.93 31.43 1.58
CA PHE A 75 -34.00 32.49 1.25
C PHE A 75 -32.95 31.95 0.28
N GLU A 76 -32.68 32.69 -0.78
CA GLU A 76 -31.70 32.27 -1.77
C GLU A 76 -30.47 33.15 -1.73
N PHE A 77 -29.32 32.58 -2.05
CA PHE A 77 -28.07 33.33 -2.09
C PHE A 77 -27.26 32.86 -3.29
N ILE A 78 -26.51 33.78 -3.91
CA ILE A 78 -25.66 33.43 -5.04
C ILE A 78 -24.23 33.45 -4.50
N LEU A 79 -23.57 32.30 -4.53
CA LEU A 79 -22.22 32.20 -3.98
C LEU A 79 -21.06 31.93 -4.93
N ASP A 80 -19.90 32.51 -4.63
CA ASP A 80 -18.70 32.29 -5.41
C ASP A 80 -17.96 31.11 -4.78
N PRO A 81 -17.73 30.03 -5.55
CA PRO A 81 -17.04 28.84 -5.05
C PRO A 81 -15.62 29.08 -4.50
N ASN A 82 -14.92 30.06 -5.05
CA ASN A 82 -13.56 30.37 -4.60
C ASN A 82 -13.56 31.09 -3.27
N GLN A 83 -14.70 31.10 -2.60
CA GLN A 83 -14.85 31.78 -1.32
C GLN A 83 -15.27 30.84 -0.19
N GLU A 84 -14.86 31.19 1.03
CA GLU A 84 -15.22 30.42 2.21
C GLU A 84 -16.58 30.95 2.65
N ASN A 85 -17.63 30.48 1.98
CA ASN A 85 -18.99 30.90 2.26
C ASN A 85 -19.59 30.29 3.53
N VAL A 86 -19.61 31.10 4.59
CA VAL A 86 -20.15 30.68 5.88
C VAL A 86 -21.49 31.36 6.19
N LEU A 87 -22.51 30.54 6.38
CA LEU A 87 -23.84 31.03 6.71
C LEU A 87 -24.00 31.26 8.20
N GLU A 88 -24.04 32.52 8.61
CA GLU A 88 -24.23 32.82 10.03
C GLU A 88 -25.73 32.88 10.32
N ILE A 89 -26.15 32.09 11.30
CA ILE A 89 -27.55 32.02 11.70
C ILE A 89 -27.73 32.67 13.07
N THR A 90 -28.81 33.41 13.23
CA THR A 90 -29.03 34.06 14.49
C THR A 90 -30.49 34.07 14.90
N LEU A 91 -30.73 33.50 16.08
CA LEU A 91 -32.07 33.44 16.65
C LEU A 91 -32.26 34.75 17.42
N MET A 92 -33.32 35.49 17.10
CA MET A 92 -33.57 36.77 17.75
C MET A 92 -34.94 36.89 18.40
N ASP A 93 -35.04 37.80 19.37
CA ASP A 93 -36.29 38.08 20.08
C ASP A 93 -36.62 39.55 19.81
N ALA A 94 -37.60 39.77 18.94
CA ALA A 94 -37.97 41.12 18.56
C ALA A 94 -38.48 41.89 19.77
N ASN A 95 -37.94 43.08 19.98
CA ASN A 95 -38.33 43.92 21.10
C ASN A 95 -38.75 45.31 20.67
N TYR A 96 -39.20 46.12 21.63
CA TYR A 96 -39.62 47.50 21.37
C TYR A 96 -38.40 48.40 21.30
N VAL A 97 -37.34 48.02 22.01
CA VAL A 97 -36.14 48.84 22.05
C VAL A 97 -35.00 48.31 21.19
N MET A 98 -34.44 47.17 21.60
CA MET A 98 -33.34 46.59 20.87
C MET A 98 -33.56 45.09 20.83
N ASP A 99 -33.72 44.53 19.64
CA ASP A 99 -33.94 43.11 19.52
C ASP A 99 -32.79 42.40 20.22
N GLU A 100 -33.10 41.32 20.90
CA GLU A 100 -32.08 40.58 21.63
C GLU A 100 -31.65 39.34 20.85
N THR A 101 -30.34 39.13 20.75
CA THR A 101 -29.85 37.97 20.06
C THR A 101 -29.75 36.80 21.04
N LEU A 102 -30.55 35.77 20.81
CA LEU A 102 -30.59 34.60 21.68
C LEU A 102 -29.46 33.62 21.38
N GLY A 103 -29.13 33.45 20.11
CA GLY A 103 -28.06 32.53 19.76
C GLY A 103 -27.52 32.66 18.35
N THR A 104 -26.20 32.50 18.24
CA THR A 104 -25.50 32.56 16.96
C THR A 104 -25.06 31.16 16.56
N ALA A 105 -25.30 30.78 15.31
CA ALA A 105 -24.90 29.47 14.81
C ALA A 105 -24.21 29.62 13.45
N THR A 106 -23.14 28.87 13.25
CA THR A 106 -22.37 28.90 12.01
C THR A 106 -22.61 27.67 11.15
N PHE A 107 -22.41 27.83 9.85
CA PHE A 107 -22.58 26.72 8.91
C PHE A 107 -21.80 26.91 7.62
N THR A 108 -20.79 26.08 7.41
CA THR A 108 -19.98 26.17 6.21
C THR A 108 -20.68 25.45 5.06
N VAL A 109 -20.82 26.14 3.94
CA VAL A 109 -21.48 25.57 2.77
C VAL A 109 -20.59 24.52 2.09
N SER A 110 -19.27 24.70 2.26
CA SER A 110 -18.28 23.79 1.70
C SER A 110 -18.56 22.34 2.09
N SER A 111 -18.96 22.15 3.34
CA SER A 111 -19.27 20.81 3.87
C SER A 111 -20.44 20.18 3.11
N MET A 112 -20.94 20.88 2.10
CA MET A 112 -22.04 20.36 1.30
C MET A 112 -21.58 20.25 -0.15
N LYS A 113 -22.29 19.44 -0.94
CA LYS A 113 -21.94 19.27 -2.34
C LYS A 113 -23.11 19.66 -3.24
N VAL A 114 -22.79 20.09 -4.45
CA VAL A 114 -23.84 20.51 -5.40
C VAL A 114 -24.93 19.46 -5.51
N GLY A 115 -26.19 19.90 -5.55
CA GLY A 115 -27.30 18.98 -5.66
C GLY A 115 -27.75 18.39 -4.33
N GLU A 116 -26.84 18.33 -3.36
CA GLU A 116 -27.14 17.79 -2.04
C GLU A 116 -28.21 18.66 -1.35
N LYS A 117 -29.31 18.04 -0.94
CA LYS A 117 -30.40 18.75 -0.28
C LYS A 117 -30.64 18.19 1.12
N LYS A 118 -29.74 18.52 2.04
CA LYS A 118 -29.81 18.05 3.42
C LYS A 118 -30.79 18.83 4.30
N GLU A 119 -30.58 18.71 5.62
CA GLU A 119 -31.42 19.38 6.60
C GLU A 119 -30.72 19.36 7.96
N VAL A 120 -29.97 20.42 8.26
CA VAL A 120 -29.23 20.53 9.51
C VAL A 120 -30.06 21.03 10.70
N PRO A 121 -29.85 20.44 11.89
CA PRO A 121 -30.54 20.78 13.14
C PRO A 121 -29.63 21.64 14.02
N PHE A 122 -30.17 22.70 14.61
CA PHE A 122 -29.36 23.55 15.47
C PHE A 122 -29.93 23.70 16.88
N ILE A 123 -29.03 23.66 17.87
CA ILE A 123 -29.43 23.78 19.26
C ILE A 123 -28.77 24.98 19.96
N PHE A 124 -29.61 25.82 20.55
CA PHE A 124 -29.11 26.99 21.26
C PHE A 124 -29.40 26.87 22.76
N ASN A 125 -28.38 27.11 23.56
CA ASN A 125 -28.52 27.05 25.02
C ASN A 125 -28.89 25.63 25.49
N GLN A 126 -28.63 24.64 24.65
CA GLN A 126 -28.92 23.25 24.96
C GLN A 126 -30.39 23.05 25.33
N VAL A 127 -31.28 23.83 24.73
CA VAL A 127 -32.71 23.71 25.03
C VAL A 127 -33.59 23.90 23.80
N THR A 128 -33.47 25.08 23.19
CA THR A 128 -34.27 25.41 22.01
C THR A 128 -33.73 24.75 20.75
N GLU A 129 -34.63 24.16 19.96
CA GLU A 129 -34.26 23.49 18.73
C GLU A 129 -34.82 24.20 17.49
N MET A 130 -33.98 24.37 16.47
CA MET A 130 -34.37 25.03 15.24
C MET A 130 -33.98 24.20 14.01
N VAL A 131 -34.92 24.06 13.08
CA VAL A 131 -34.68 23.26 11.88
C VAL A 131 -34.54 24.07 10.59
N LEU A 132 -33.38 23.95 9.94
CA LEU A 132 -33.09 24.64 8.69
C LEU A 132 -32.79 23.66 7.55
N GLU A 133 -33.24 23.99 6.35
CA GLU A 133 -33.01 23.14 5.18
C GLU A 133 -31.98 23.79 4.26
N MET A 134 -30.92 23.05 3.93
CA MET A 134 -29.86 23.55 3.05
C MET A 134 -29.95 22.94 1.66
N SER A 135 -29.59 23.74 0.65
CA SER A 135 -29.59 23.31 -0.75
C SER A 135 -28.36 23.91 -1.42
N LEU A 136 -27.91 23.28 -2.51
CA LEU A 136 -26.75 23.80 -3.21
C LEU A 136 -26.78 23.43 -4.69
N GLU A 137 -27.65 24.08 -5.45
CA GLU A 137 -27.76 23.83 -6.88
C GLU A 137 -26.63 24.55 -7.63
N VAL A 138 -26.78 24.66 -8.94
CA VAL A 138 -25.79 25.34 -9.77
C VAL A 138 -26.49 26.51 -10.45
N CYS A 139 -25.97 27.72 -10.23
CA CYS A 139 -26.55 28.92 -10.80
C CYS A 139 -26.49 28.82 -12.32
N SER A 140 -27.64 28.98 -12.96
CA SER A 140 -27.74 28.91 -14.41
C SER A 140 -27.05 30.08 -15.11
N CYS A 141 -27.41 30.31 -16.38
CA CYS A 141 -26.81 31.39 -17.14
C CYS A 141 -27.10 32.74 -16.48
N PRO A 142 -26.15 33.68 -16.61
CA PRO A 142 -26.31 35.02 -16.04
C PRO A 142 -27.51 35.75 -16.63
N ASP A 143 -27.84 36.91 -16.05
CA ASP A 143 -28.95 37.73 -16.52
C ASP A 143 -28.31 38.78 -17.44
N LEU A 144 -26.99 38.81 -17.41
CA LEU A 144 -26.19 39.71 -18.22
C LEU A 144 -25.98 39.04 -19.59
N ARG A 145 -26.08 39.81 -20.65
CA ARG A 145 -25.90 39.27 -21.98
C ARG A 145 -24.49 39.69 -22.41
N PHE A 146 -23.61 38.72 -22.59
CA PHE A 146 -22.23 39.02 -22.97
C PHE A 146 -21.97 38.79 -24.45
N SER A 147 -22.21 39.83 -25.25
CA SER A 147 -22.02 39.74 -26.70
C SER A 147 -21.89 41.12 -27.35
N MET A 148 -21.19 41.16 -28.48
CA MET A 148 -21.00 42.41 -29.23
C MET A 148 -22.13 42.58 -30.21
N ALA A 149 -22.76 41.47 -30.56
CA ALA A 149 -23.86 41.48 -31.52
C ALA A 149 -25.06 42.23 -30.99
N LEU A 150 -25.96 42.58 -31.90
CA LEU A 150 -27.18 43.26 -31.51
C LEU A 150 -28.05 42.20 -30.86
N CYS A 151 -29.03 42.61 -30.06
CA CYS A 151 -29.92 41.67 -29.39
C CYS A 151 -31.04 41.28 -30.36
N ASP A 152 -31.57 40.07 -30.21
CA ASP A 152 -32.64 39.58 -31.10
C ASP A 152 -33.72 40.60 -31.40
N GLN A 153 -34.09 41.41 -30.41
CA GLN A 153 -35.15 42.38 -30.62
C GLN A 153 -34.70 43.52 -31.53
N GLU A 154 -33.40 43.85 -31.52
CA GLU A 154 -32.93 44.91 -32.41
C GLU A 154 -32.82 44.34 -33.82
N LYS A 155 -32.21 43.16 -33.92
CA LYS A 155 -32.07 42.51 -35.23
C LYS A 155 -33.45 42.40 -35.87
N THR A 156 -34.45 41.98 -35.10
CA THR A 156 -35.80 41.86 -35.67
C THR A 156 -36.34 43.22 -36.06
N PHE A 157 -36.04 44.23 -35.25
CA PHE A 157 -36.49 45.57 -35.55
C PHE A 157 -35.96 45.99 -36.94
N ARG A 158 -34.67 45.75 -37.18
CA ARG A 158 -34.05 46.10 -38.45
C ARG A 158 -34.73 45.40 -39.61
N GLN A 159 -34.73 44.08 -39.55
CA GLN A 159 -35.33 43.23 -40.57
C GLN A 159 -36.78 43.60 -40.83
N GLN A 160 -37.49 44.03 -39.79
CA GLN A 160 -38.89 44.41 -39.96
C GLN A 160 -39.06 45.86 -40.42
N ARG A 161 -38.03 46.68 -40.29
CA ARG A 161 -38.14 48.07 -40.72
C ARG A 161 -37.53 48.26 -42.13
N LYS A 162 -36.66 47.34 -42.50
CA LYS A 162 -35.97 47.34 -43.80
C LYS A 162 -36.86 47.73 -44.99
N GLU A 163 -37.85 46.91 -45.29
CA GLU A 163 -38.74 47.19 -46.42
C GLU A 163 -39.53 48.48 -46.25
N HIS A 164 -39.74 48.92 -45.02
CA HIS A 164 -40.46 50.17 -44.80
C HIS A 164 -39.58 51.32 -45.30
N ILE A 165 -38.28 51.19 -45.06
CA ILE A 165 -37.32 52.19 -45.49
C ILE A 165 -37.32 52.23 -47.02
N ARG A 166 -37.02 51.10 -47.64
CA ARG A 166 -36.99 50.98 -49.10
C ARG A 166 -38.20 51.68 -49.74
N GLU A 167 -39.38 51.34 -49.27
CA GLU A 167 -40.59 51.95 -49.82
C GLU A 167 -40.56 53.46 -49.62
N SER A 168 -40.31 53.88 -48.39
CA SER A 168 -40.25 55.30 -48.04
C SER A 168 -39.14 56.05 -48.77
N MET A 169 -38.00 55.41 -48.89
CA MET A 169 -36.87 56.03 -49.56
C MET A 169 -37.24 56.28 -51.04
N LYS A 170 -38.04 55.39 -51.64
CA LYS A 170 -38.44 55.55 -53.03
C LYS A 170 -39.37 56.76 -53.17
N LYS A 171 -40.39 56.83 -52.34
CA LYS A 171 -41.35 57.93 -52.38
C LYS A 171 -40.67 59.29 -52.24
N LEU A 172 -39.57 59.34 -51.49
CA LEU A 172 -38.84 60.58 -51.26
C LEU A 172 -37.93 60.95 -52.44
N LEU A 173 -37.09 60.00 -52.83
CA LEU A 173 -36.14 60.17 -53.93
C LEU A 173 -36.75 60.22 -55.32
N GLY A 174 -38.01 59.79 -55.45
CA GLY A 174 -38.66 59.80 -56.75
C GLY A 174 -38.25 58.56 -57.55
N PRO A 175 -39.01 58.21 -58.61
CA PRO A 175 -38.69 57.03 -59.42
C PRO A 175 -37.40 57.20 -60.21
N LYS A 176 -37.07 58.47 -60.51
CA LYS A 176 -35.87 58.79 -61.27
C LYS A 176 -34.58 58.48 -60.50
N ASN A 177 -34.42 59.10 -59.33
CA ASN A 177 -33.22 58.90 -58.51
C ASN A 177 -33.27 57.71 -57.55
N SER A 178 -34.37 56.95 -57.56
CA SER A 178 -34.50 55.78 -56.68
C SER A 178 -34.22 54.47 -57.40
N GLU A 179 -33.66 54.55 -58.60
CA GLU A 179 -33.36 53.38 -59.41
C GLU A 179 -32.67 52.25 -58.65
N GLY A 180 -31.48 52.54 -58.13
CA GLY A 180 -30.70 51.56 -57.41
C GLY A 180 -31.38 50.77 -56.31
N LEU A 181 -32.53 51.25 -55.84
CA LEU A 181 -33.26 50.56 -54.78
C LEU A 181 -34.14 49.41 -55.26
N HIS A 182 -34.75 49.57 -56.43
CA HIS A 182 -35.62 48.53 -56.98
C HIS A 182 -34.91 47.18 -57.13
N SER A 183 -33.59 47.21 -57.05
CA SER A 183 -32.78 46.00 -57.15
C SER A 183 -31.85 45.94 -55.94
N ALA A 184 -31.90 47.00 -55.14
CA ALA A 184 -31.05 47.11 -53.95
C ALA A 184 -31.21 45.91 -53.02
N ARG A 185 -30.08 45.37 -52.58
CA ARG A 185 -30.10 44.23 -51.67
C ARG A 185 -30.47 44.76 -50.30
N ASP A 186 -29.62 45.64 -49.77
CA ASP A 186 -29.86 46.22 -48.46
C ASP A 186 -29.86 47.74 -48.58
N VAL A 187 -30.94 48.37 -48.11
CA VAL A 187 -31.07 49.82 -48.16
C VAL A 187 -30.08 50.46 -47.18
N PRO A 188 -29.85 51.78 -47.30
CA PRO A 188 -28.92 52.41 -46.37
C PRO A 188 -29.49 52.67 -44.96
N VAL A 189 -28.66 52.49 -43.94
CA VAL A 189 -29.04 52.68 -42.54
C VAL A 189 -28.85 54.16 -42.14
N VAL A 190 -29.94 54.91 -42.06
CA VAL A 190 -29.89 56.32 -41.69
C VAL A 190 -30.14 56.58 -40.19
N ALA A 191 -29.28 57.36 -39.57
CA ALA A 191 -29.43 57.69 -38.15
C ALA A 191 -29.58 59.20 -37.93
N ILE A 192 -30.61 59.58 -37.18
CA ILE A 192 -30.82 60.99 -36.86
C ILE A 192 -30.13 61.26 -35.52
N LEU A 193 -29.42 62.37 -35.40
CA LEU A 193 -28.72 62.73 -34.16
C LEU A 193 -29.12 64.08 -33.60
N GLY A 194 -29.47 64.10 -32.33
CA GLY A 194 -29.84 65.34 -31.66
C GLY A 194 -28.74 65.56 -30.65
N SER A 195 -28.31 66.81 -30.47
CA SER A 195 -27.25 67.09 -29.52
C SER A 195 -27.81 67.48 -28.16
N GLY A 196 -26.95 67.50 -27.15
CA GLY A 196 -27.40 67.93 -25.84
C GLY A 196 -27.55 69.45 -25.84
N GLY A 197 -27.87 70.05 -24.69
CA GLY A 197 -28.01 71.50 -24.64
C GLY A 197 -29.30 72.03 -24.05
N GLY A 198 -29.71 71.44 -22.94
CA GLY A 198 -30.93 71.88 -22.27
C GLY A 198 -32.17 72.05 -23.13
N PHE A 199 -33.01 72.99 -22.74
CA PHE A 199 -34.24 73.25 -23.45
C PHE A 199 -34.03 73.78 -24.86
N ARG A 200 -32.84 74.35 -25.10
CA ARG A 200 -32.54 74.87 -26.43
C ARG A 200 -32.47 73.65 -27.36
N ALA A 201 -31.73 72.63 -26.90
CA ALA A 201 -31.60 71.40 -27.67
C ALA A 201 -32.98 70.75 -27.80
N MET A 202 -33.78 70.83 -26.75
CA MET A 202 -35.10 70.22 -26.76
C MET A 202 -36.07 70.87 -27.71
N VAL A 203 -36.22 72.18 -27.62
CA VAL A 203 -37.14 72.89 -28.50
C VAL A 203 -36.62 72.86 -29.93
N GLY A 204 -35.30 72.93 -30.08
CA GLY A 204 -34.73 72.91 -31.41
C GLY A 204 -35.05 71.58 -32.07
N PHE A 205 -34.69 70.49 -31.41
CA PHE A 205 -34.90 69.16 -31.95
C PHE A 205 -36.37 68.88 -32.26
N SER A 206 -37.28 69.54 -31.55
CA SER A 206 -38.69 69.30 -31.82
C SER A 206 -39.05 69.86 -33.19
N GLY A 207 -38.47 71.00 -33.57
CA GLY A 207 -38.75 71.59 -34.86
C GLY A 207 -38.16 70.69 -35.93
N VAL A 208 -36.97 70.17 -35.65
CA VAL A 208 -36.27 69.26 -36.53
C VAL A 208 -37.10 68.01 -36.80
N MET A 209 -37.66 67.43 -35.74
CA MET A 209 -38.48 66.22 -35.90
C MET A 209 -39.78 66.51 -36.63
N LYS A 210 -40.32 67.71 -36.46
CA LYS A 210 -41.55 68.03 -37.17
C LYS A 210 -41.22 68.00 -38.67
N ALA A 211 -40.10 68.62 -39.02
CA ALA A 211 -39.66 68.68 -40.41
C ALA A 211 -39.35 67.28 -40.96
N LEU A 212 -38.53 66.52 -40.25
CA LEU A 212 -38.16 65.18 -40.68
C LEU A 212 -39.39 64.28 -40.81
N TYR A 213 -40.42 64.58 -40.02
CA TYR A 213 -41.65 63.78 -40.02
C TYR A 213 -42.50 64.04 -41.25
N GLU A 214 -42.92 65.29 -41.43
CA GLU A 214 -43.76 65.68 -42.56
C GLU A 214 -43.12 65.47 -43.94
N SER A 215 -41.78 65.52 -43.99
CA SER A 215 -41.06 65.36 -45.24
C SER A 215 -40.76 63.91 -45.59
N GLY A 216 -41.21 62.99 -44.74
CA GLY A 216 -40.97 61.58 -45.01
C GLY A 216 -39.57 61.11 -44.66
N ILE A 217 -38.70 62.02 -44.24
CA ILE A 217 -37.33 61.64 -43.88
C ILE A 217 -37.29 60.63 -42.73
N LEU A 218 -38.11 60.84 -41.70
CA LEU A 218 -38.13 59.92 -40.56
C LEU A 218 -38.36 58.48 -41.02
N ASP A 219 -39.32 58.31 -41.94
CA ASP A 219 -39.62 56.99 -42.45
C ASP A 219 -38.45 56.28 -43.12
N CYS A 220 -37.35 57.00 -43.34
CA CYS A 220 -36.18 56.39 -43.97
C CYS A 220 -35.12 56.08 -42.92
N ALA A 221 -35.33 56.60 -41.72
CA ALA A 221 -34.40 56.42 -40.61
C ALA A 221 -34.57 55.11 -39.87
N THR A 222 -33.45 54.54 -39.45
CA THR A 222 -33.44 53.31 -38.71
C THR A 222 -33.29 53.66 -37.22
N TYR A 223 -32.61 54.77 -36.97
CA TYR A 223 -32.36 55.22 -35.60
C TYR A 223 -32.55 56.71 -35.34
N VAL A 224 -32.81 57.03 -34.08
CA VAL A 224 -32.95 58.39 -33.61
C VAL A 224 -32.18 58.33 -32.31
N ALA A 225 -31.02 58.98 -32.27
CA ALA A 225 -30.19 58.97 -31.09
C ALA A 225 -30.10 60.36 -30.48
N GLY A 226 -29.95 60.41 -29.16
CA GLY A 226 -29.84 61.69 -28.48
C GLY A 226 -29.06 61.63 -27.17
N LEU A 227 -28.72 62.79 -26.64
CA LEU A 227 -28.04 62.87 -25.35
C LEU A 227 -28.48 64.17 -24.69
N SER A 228 -28.40 64.22 -23.36
CA SER A 228 -28.82 65.38 -22.59
C SER A 228 -30.16 65.93 -23.09
N GLY A 229 -30.18 67.17 -23.55
CA GLY A 229 -31.41 67.79 -24.02
C GLY A 229 -32.29 67.15 -25.11
N SER A 230 -31.69 66.59 -26.15
CA SER A 230 -32.48 65.98 -27.24
C SER A 230 -33.29 64.81 -26.71
N THR A 231 -32.67 64.17 -25.74
CA THR A 231 -33.20 63.03 -25.03
C THR A 231 -34.55 63.36 -24.37
N TRP A 232 -34.69 64.57 -23.87
CA TRP A 232 -35.93 64.93 -23.22
C TRP A 232 -37.05 65.01 -24.23
N TYR A 233 -36.72 65.41 -25.45
CA TYR A 233 -37.76 65.50 -26.47
C TYR A 233 -38.14 64.11 -26.93
N MET A 234 -37.15 63.25 -27.12
CA MET A 234 -37.40 61.90 -27.57
C MET A 234 -38.32 61.18 -26.59
N SER A 235 -38.02 61.32 -25.29
CA SER A 235 -38.82 60.71 -24.23
C SER A 235 -40.27 61.17 -24.31
N THR A 236 -40.45 62.48 -24.49
CA THR A 236 -41.75 63.09 -24.56
C THR A 236 -42.51 62.64 -25.81
N LEU A 237 -41.81 62.61 -26.94
CA LEU A 237 -42.43 62.20 -28.19
C LEU A 237 -42.79 60.71 -28.21
N TYR A 238 -41.80 59.86 -28.00
CA TYR A 238 -42.01 58.43 -28.00
C TYR A 238 -42.94 57.90 -26.91
N SER A 239 -43.08 58.62 -25.80
CA SER A 239 -43.96 58.14 -24.75
C SER A 239 -45.38 58.66 -24.94
N HIS A 240 -45.60 59.56 -25.89
CA HIS A 240 -46.93 60.09 -26.07
C HIS A 240 -47.91 59.00 -26.52
N PRO A 241 -49.08 58.93 -25.88
CA PRO A 241 -50.07 57.93 -26.22
C PRO A 241 -50.53 57.87 -27.67
N ASP A 242 -50.63 59.03 -28.32
CA ASP A 242 -51.08 59.07 -29.72
C ASP A 242 -49.99 58.98 -30.78
N PHE A 243 -48.73 58.90 -30.36
CA PHE A 243 -47.61 58.79 -31.28
C PHE A 243 -47.47 57.33 -31.70
N PRO A 244 -47.22 57.05 -33.00
CA PRO A 244 -47.04 57.92 -34.18
C PRO A 244 -48.26 58.34 -34.99
N GLU A 245 -49.46 57.89 -34.63
CA GLU A 245 -50.65 58.28 -35.37
C GLU A 245 -50.63 59.80 -35.44
N LYS A 246 -50.43 60.44 -34.29
CA LYS A 246 -50.31 61.89 -34.22
C LYS A 246 -48.80 62.11 -34.25
N GLY A 247 -48.34 63.26 -34.73
CA GLY A 247 -46.92 63.48 -34.79
C GLY A 247 -46.44 64.74 -34.12
N PRO A 248 -45.21 65.16 -34.41
CA PRO A 248 -44.67 66.38 -33.80
C PRO A 248 -45.64 67.56 -33.89
N GLU A 249 -46.46 67.58 -34.95
CA GLU A 249 -47.43 68.64 -35.16
C GLU A 249 -48.21 68.96 -33.89
N GLU A 250 -48.95 67.97 -33.37
CA GLU A 250 -49.75 68.16 -32.17
C GLU A 250 -48.94 68.11 -30.87
N ILE A 251 -48.02 67.16 -30.79
CA ILE A 251 -47.20 66.98 -29.60
C ILE A 251 -46.35 68.20 -29.26
N ASN A 252 -45.90 68.92 -30.28
CA ASN A 252 -45.08 70.11 -30.04
C ASN A 252 -45.92 71.26 -29.50
N GLU A 253 -47.21 71.29 -29.82
CA GLU A 253 -48.08 72.36 -29.32
C GLU A 253 -48.15 72.17 -27.81
N GLU A 254 -48.20 70.91 -27.39
CA GLU A 254 -48.24 70.60 -25.96
C GLU A 254 -46.91 71.01 -25.34
N LEU A 255 -45.81 70.64 -26.00
CA LEU A 255 -44.48 70.97 -25.49
C LEU A 255 -44.45 72.47 -25.22
N MET A 256 -44.97 73.23 -26.17
CA MET A 256 -44.98 74.68 -26.04
C MET A 256 -45.75 75.13 -24.80
N LYS A 257 -46.99 74.67 -24.66
CA LYS A 257 -47.77 75.07 -23.49
C LYS A 257 -47.08 74.64 -22.19
N ASN A 258 -46.45 73.47 -22.19
CA ASN A 258 -45.77 72.98 -20.99
C ASN A 258 -44.52 73.76 -20.58
N VAL A 259 -43.82 74.33 -21.56
CA VAL A 259 -42.60 75.05 -21.28
C VAL A 259 -42.79 76.58 -21.11
N SER A 260 -44.00 77.06 -21.37
CA SER A 260 -44.28 78.49 -21.26
C SER A 260 -44.24 79.02 -19.84
N HIS A 261 -44.63 78.17 -18.90
CA HIS A 261 -44.62 78.55 -17.48
C HIS A 261 -43.26 78.14 -16.92
N ASN A 262 -42.64 79.02 -16.15
CA ASN A 262 -41.34 78.73 -15.57
C ASN A 262 -41.34 77.44 -14.74
N PRO A 263 -40.54 76.45 -15.14
CA PRO A 263 -40.45 75.17 -14.43
C PRO A 263 -39.94 75.31 -13.00
N LEU A 264 -39.01 76.23 -12.77
CA LEU A 264 -38.48 76.43 -11.43
C LEU A 264 -39.57 76.83 -10.44
N LEU A 265 -40.60 77.49 -10.93
CA LEU A 265 -41.70 77.91 -10.06
C LEU A 265 -42.47 76.69 -9.56
N LEU A 266 -42.31 75.56 -10.24
CA LEU A 266 -42.97 74.31 -9.83
C LEU A 266 -42.43 73.88 -8.47
N LEU A 267 -41.13 74.03 -8.28
CA LEU A 267 -40.48 73.65 -7.04
C LEU A 267 -41.05 74.42 -5.85
N THR A 268 -42.06 73.82 -5.25
CA THR A 268 -42.75 74.40 -4.10
C THR A 268 -42.58 73.46 -2.91
N PRO A 269 -42.54 74.01 -1.70
CA PRO A 269 -42.37 73.16 -0.51
C PRO A 269 -43.28 71.94 -0.54
N GLN A 270 -44.55 72.18 -0.90
CA GLN A 270 -45.53 71.09 -0.96
C GLN A 270 -45.15 70.07 -2.04
N LYS A 271 -44.83 70.54 -3.24
CA LYS A 271 -44.47 69.61 -4.30
C LYS A 271 -43.17 68.89 -4.00
N VAL A 272 -42.19 69.64 -3.51
CA VAL A 272 -40.90 69.03 -3.19
C VAL A 272 -41.12 67.93 -2.18
N LYS A 273 -42.03 68.18 -1.22
CA LYS A 273 -42.33 67.19 -0.20
C LYS A 273 -42.90 65.91 -0.81
N ARG A 274 -43.64 66.05 -1.91
CA ARG A 274 -44.20 64.89 -2.61
C ARG A 274 -43.09 64.13 -3.28
N TYR A 275 -42.16 64.86 -3.89
CA TYR A 275 -41.01 64.26 -4.56
C TYR A 275 -40.24 63.38 -3.55
N VAL A 276 -39.87 63.97 -2.42
CA VAL A 276 -39.13 63.24 -1.40
C VAL A 276 -39.90 62.01 -0.93
N GLU A 277 -41.22 62.15 -0.77
CA GLU A 277 -42.07 61.05 -0.32
C GLU A 277 -42.06 59.93 -1.36
N SER A 278 -42.26 60.30 -2.62
CA SER A 278 -42.27 59.30 -3.68
C SER A 278 -40.92 58.60 -3.73
N LEU A 279 -39.83 59.36 -3.71
CA LEU A 279 -38.49 58.79 -3.79
C LEU A 279 -38.12 57.89 -2.64
N TRP A 280 -38.72 58.13 -1.47
CA TRP A 280 -38.43 57.29 -0.33
C TRP A 280 -38.78 55.83 -0.60
N LYS A 281 -39.71 55.61 -1.51
CA LYS A 281 -40.09 54.24 -1.86
C LYS A 281 -38.87 53.56 -2.47
N LYS A 282 -38.26 54.25 -3.43
CA LYS A 282 -37.07 53.72 -4.09
C LYS A 282 -35.94 53.53 -3.08
N LYS A 283 -35.75 54.53 -2.22
CA LYS A 283 -34.70 54.45 -1.22
C LYS A 283 -34.96 53.27 -0.29
N SER A 284 -36.20 53.21 0.18
CA SER A 284 -36.65 52.17 1.09
C SER A 284 -36.36 50.76 0.55
N SER A 285 -36.40 50.61 -0.77
CA SER A 285 -36.17 49.31 -1.41
C SER A 285 -34.69 48.96 -1.45
N GLY A 286 -33.84 49.90 -1.08
CA GLY A 286 -32.42 49.63 -1.10
C GLY A 286 -31.67 50.22 -2.29
N GLN A 287 -32.28 51.16 -3.01
CA GLN A 287 -31.57 51.79 -4.13
C GLN A 287 -31.08 53.14 -3.69
N PRO A 288 -29.93 53.57 -4.21
CA PRO A 288 -29.47 54.90 -3.79
C PRO A 288 -30.27 55.99 -4.49
N VAL A 289 -30.46 57.11 -3.81
CA VAL A 289 -31.17 58.24 -4.40
C VAL A 289 -30.21 59.42 -4.36
N THR A 290 -30.32 60.32 -5.34
CA THR A 290 -29.45 61.48 -5.38
C THR A 290 -30.23 62.65 -5.88
N PHE A 291 -29.55 63.79 -6.04
CA PHE A 291 -30.24 64.95 -6.52
C PHE A 291 -30.80 64.70 -7.93
N THR A 292 -30.14 63.83 -8.68
CA THR A 292 -30.62 63.56 -10.03
C THR A 292 -32.04 63.00 -10.01
N ASP A 293 -32.36 62.18 -9.01
CA ASP A 293 -33.73 61.67 -8.89
C ASP A 293 -34.69 62.87 -8.78
N ILE A 294 -34.35 63.86 -7.94
CA ILE A 294 -35.21 65.02 -7.77
C ILE A 294 -35.30 65.80 -9.07
N PHE A 295 -34.16 66.01 -9.71
CA PHE A 295 -34.13 66.75 -10.96
C PHE A 295 -34.97 66.00 -11.98
N GLY A 296 -34.80 64.69 -12.00
CA GLY A 296 -35.54 63.86 -12.92
C GLY A 296 -37.01 64.10 -12.77
N MET A 297 -37.48 64.13 -11.53
CA MET A 297 -38.89 64.35 -11.29
C MET A 297 -39.35 65.71 -11.79
N LEU A 298 -38.54 66.73 -11.57
CA LEU A 298 -38.92 68.07 -12.03
C LEU A 298 -39.04 68.09 -13.54
N ILE A 299 -38.08 67.47 -14.24
CA ILE A 299 -38.14 67.44 -15.68
C ILE A 299 -39.39 66.69 -16.09
N GLY A 300 -39.65 65.58 -15.40
CA GLY A 300 -40.81 64.78 -15.68
C GLY A 300 -42.10 65.57 -15.51
N GLU A 301 -42.24 66.23 -14.38
CA GLU A 301 -43.46 66.99 -14.16
C GLU A 301 -43.68 68.07 -15.20
N THR A 302 -42.61 68.70 -15.70
CA THR A 302 -42.85 69.75 -16.70
C THR A 302 -43.19 69.16 -18.06
N LEU A 303 -42.48 68.10 -18.47
CA LEU A 303 -42.71 67.50 -19.79
C LEU A 303 -43.76 66.39 -19.91
N ILE A 304 -43.80 65.46 -18.96
CA ILE A 304 -44.77 64.37 -19.05
C ILE A 304 -45.59 64.13 -17.78
N HIS A 305 -46.12 65.20 -17.18
CA HIS A 305 -46.90 65.09 -15.95
C HIS A 305 -48.11 64.15 -16.03
N ASN A 306 -48.60 63.90 -17.24
CA ASN A 306 -49.76 63.04 -17.39
C ASN A 306 -49.34 61.58 -17.59
N ARG A 307 -48.04 61.33 -17.54
CA ARG A 307 -47.54 59.97 -17.70
C ARG A 307 -46.22 59.76 -16.96
N MET A 308 -46.19 60.24 -15.72
CA MET A 308 -45.02 60.11 -14.87
C MET A 308 -44.49 58.69 -14.67
N ASN A 309 -45.34 57.69 -14.83
CA ASN A 309 -44.86 56.32 -14.62
C ASN A 309 -44.44 55.56 -15.88
N THR A 310 -44.16 56.31 -16.95
CA THR A 310 -43.71 55.71 -18.18
C THR A 310 -42.28 55.21 -17.92
N THR A 311 -41.92 54.04 -18.43
CA THR A 311 -40.56 53.55 -18.24
C THR A 311 -39.87 53.47 -19.60
N LEU A 312 -38.58 53.12 -19.60
CA LEU A 312 -37.84 53.00 -20.85
C LEU A 312 -38.47 51.84 -21.62
N SER A 313 -38.84 50.79 -20.87
CA SER A 313 -39.46 49.61 -21.45
C SER A 313 -40.77 49.86 -22.15
N SER A 314 -41.59 50.75 -21.61
CA SER A 314 -42.88 50.99 -22.23
C SER A 314 -42.80 51.61 -23.62
N LEU A 315 -41.59 51.97 -24.06
CA LEU A 315 -41.42 52.55 -25.39
C LEU A 315 -41.42 51.44 -26.43
N LYS A 316 -41.31 50.19 -25.98
CA LYS A 316 -41.32 49.04 -26.87
C LYS A 316 -42.64 49.04 -27.65
N GLU A 317 -43.64 49.71 -27.11
CA GLU A 317 -44.97 49.82 -27.72
C GLU A 317 -45.02 50.63 -29.01
N LYS A 318 -43.96 51.38 -29.30
CA LYS A 318 -43.95 52.22 -30.50
C LYS A 318 -42.98 51.66 -31.53
N VAL A 319 -42.47 50.48 -31.25
CA VAL A 319 -41.49 49.87 -32.12
C VAL A 319 -41.70 48.35 -32.32
N ASN A 320 -42.80 47.82 -31.78
CA ASN A 320 -43.13 46.39 -31.88
C ASN A 320 -43.22 45.85 -33.31
N THR A 321 -43.65 46.69 -34.24
CA THR A 321 -43.76 46.33 -35.66
C THR A 321 -42.95 47.33 -36.46
N ALA A 322 -41.87 47.79 -35.85
CA ALA A 322 -40.96 48.77 -36.45
C ALA A 322 -41.69 49.95 -37.11
N GLN A 323 -42.67 50.51 -36.43
CA GLN A 323 -43.42 51.64 -36.98
C GLN A 323 -42.75 52.99 -36.72
N CYS A 324 -41.60 52.96 -36.05
CA CYS A 324 -40.84 54.16 -35.75
C CYS A 324 -39.37 53.79 -35.77
N PRO A 325 -38.49 54.80 -35.86
CA PRO A 325 -37.06 54.52 -35.86
C PRO A 325 -36.77 54.11 -34.40
N LEU A 326 -35.76 53.29 -34.17
CA LEU A 326 -35.44 52.86 -32.82
C LEU A 326 -34.81 54.03 -32.05
N PRO A 327 -35.39 54.38 -30.87
CA PRO A 327 -34.86 55.48 -30.04
C PRO A 327 -33.61 55.04 -29.30
N LEU A 328 -32.57 55.85 -29.34
CA LEU A 328 -31.34 55.51 -28.64
C LEU A 328 -30.98 56.71 -27.75
N PHE A 329 -30.54 56.42 -26.52
CA PHE A 329 -30.15 57.43 -25.55
C PHE A 329 -28.81 57.03 -24.95
N THR A 330 -28.12 57.98 -24.32
CA THR A 330 -26.81 57.67 -23.75
C THR A 330 -26.44 58.45 -22.46
N CYS A 331 -25.47 57.93 -21.74
CA CYS A 331 -24.98 58.58 -20.53
C CYS A 331 -23.56 58.03 -20.40
N LEU A 332 -22.82 58.44 -19.38
CA LEU A 332 -21.47 57.95 -19.21
C LEU A 332 -21.30 57.19 -17.91
N HIS A 333 -20.36 56.26 -17.92
CA HIS A 333 -20.05 55.49 -16.72
C HIS A 333 -18.67 56.00 -16.36
N VAL A 334 -18.63 56.81 -15.31
CA VAL A 334 -17.39 57.43 -14.85
C VAL A 334 -16.72 56.70 -13.70
N LYS A 335 -15.65 55.95 -14.00
CA LYS A 335 -14.90 55.22 -12.98
C LYS A 335 -14.35 56.24 -12.00
N PRO A 336 -14.25 55.87 -10.71
CA PRO A 336 -13.74 56.78 -9.68
C PRO A 336 -12.31 57.29 -9.91
N ASP A 337 -11.49 56.49 -10.56
CA ASP A 337 -10.10 56.84 -10.85
C ASP A 337 -9.93 57.74 -12.08
N VAL A 338 -10.42 57.26 -13.23
CA VAL A 338 -10.33 57.99 -14.49
C VAL A 338 -10.43 59.52 -14.31
N SER A 339 -9.33 60.20 -14.59
CA SER A 339 -9.26 61.66 -14.46
C SER A 339 -9.80 62.40 -15.68
N GLU A 340 -9.59 61.85 -16.86
CA GLU A 340 -10.08 62.48 -18.08
C GLU A 340 -11.36 61.79 -18.53
N LEU A 341 -12.41 62.57 -18.78
CA LEU A 341 -13.69 62.02 -19.18
C LEU A 341 -13.74 61.48 -20.62
N MET A 342 -12.86 61.95 -21.50
CA MET A 342 -12.85 61.47 -22.87
C MET A 342 -12.53 59.97 -22.83
N PHE A 343 -12.16 59.48 -21.66
CA PHE A 343 -11.83 58.07 -21.49
C PHE A 343 -12.92 57.27 -20.80
N ALA A 344 -13.96 57.95 -20.31
CA ALA A 344 -15.06 57.26 -19.65
C ALA A 344 -15.78 56.41 -20.69
N ASP A 345 -16.49 55.42 -20.19
CA ASP A 345 -17.24 54.52 -21.05
C ASP A 345 -18.65 55.04 -21.31
N TRP A 346 -19.11 54.87 -22.54
CA TRP A 346 -20.44 55.31 -22.89
C TRP A 346 -21.43 54.17 -22.63
N VAL A 347 -22.63 54.52 -22.18
CA VAL A 347 -23.67 53.55 -21.90
C VAL A 347 -24.83 53.82 -22.82
N GLU A 348 -25.27 52.79 -23.54
CA GLU A 348 -26.39 52.97 -24.44
C GLU A 348 -27.69 52.49 -23.85
N PHE A 349 -28.78 53.13 -24.27
CA PHE A 349 -30.10 52.80 -23.79
C PHE A 349 -31.04 52.75 -24.98
N SER A 350 -31.88 51.72 -25.03
CA SER A 350 -32.88 51.60 -26.08
C SER A 350 -34.02 50.88 -25.35
N PRO A 351 -35.22 50.88 -25.94
CA PRO A 351 -36.34 50.21 -25.29
C PRO A 351 -36.05 48.74 -25.04
N TYR A 352 -35.13 48.17 -25.79
CA TYR A 352 -34.81 46.75 -25.65
C TYR A 352 -33.69 46.46 -24.68
N GLU A 353 -32.74 47.36 -24.56
CA GLU A 353 -31.64 47.13 -23.63
C GLU A 353 -30.79 48.34 -23.25
N ILE A 354 -29.89 48.09 -22.29
CA ILE A 354 -28.96 49.06 -21.75
C ILE A 354 -27.63 48.37 -21.54
N GLY A 355 -26.53 49.03 -21.88
CA GLY A 355 -25.24 48.40 -21.69
C GLY A 355 -24.07 49.16 -22.26
N MET A 356 -22.89 48.58 -22.11
CA MET A 356 -21.65 49.16 -22.59
C MET A 356 -21.15 48.32 -23.77
N ALA A 357 -21.45 48.78 -24.97
CA ALA A 357 -21.09 48.11 -26.22
C ALA A 357 -19.59 47.91 -26.45
N LYS A 358 -18.76 48.50 -25.59
CA LYS A 358 -17.32 48.33 -25.73
C LYS A 358 -16.94 46.98 -25.17
N TYR A 359 -17.63 46.58 -24.10
CA TYR A 359 -17.34 45.31 -23.43
C TYR A 359 -18.45 44.28 -23.60
N GLY A 360 -19.24 44.45 -24.65
CA GLY A 360 -20.34 43.55 -24.95
C GLY A 360 -21.14 43.08 -23.74
N THR A 361 -21.52 44.01 -22.86
CA THR A 361 -22.29 43.68 -21.66
C THR A 361 -23.61 44.44 -21.66
N PHE A 362 -24.71 43.71 -21.75
CA PHE A 362 -26.04 44.31 -21.78
C PHE A 362 -27.00 43.62 -20.83
N MET A 363 -28.15 44.24 -20.62
CA MET A 363 -29.18 43.72 -19.72
C MET A 363 -30.50 44.33 -20.18
N ALA A 364 -31.61 43.76 -19.74
CA ALA A 364 -32.91 44.29 -20.12
C ALA A 364 -33.07 45.63 -19.37
N PRO A 365 -33.81 46.57 -19.94
CA PRO A 365 -34.00 47.87 -19.29
C PRO A 365 -34.47 47.80 -17.85
N ASP A 366 -35.36 46.85 -17.57
CA ASP A 366 -35.91 46.69 -16.22
C ASP A 366 -34.92 46.23 -15.16
N LEU A 367 -33.69 45.90 -15.57
CA LEU A 367 -32.67 45.46 -14.62
C LEU A 367 -31.66 46.56 -14.30
N PHE A 368 -31.62 47.61 -15.13
CA PHE A 368 -30.71 48.73 -14.86
C PHE A 368 -31.13 49.32 -13.51
N GLY A 369 -30.27 49.18 -12.51
CA GLY A 369 -30.59 49.67 -11.19
C GLY A 369 -30.61 48.53 -10.19
N SER A 370 -30.99 47.33 -10.66
CA SER A 370 -31.04 46.16 -9.79
C SER A 370 -29.66 45.79 -9.25
N LYS A 371 -29.64 44.92 -8.24
CA LYS A 371 -28.37 44.49 -7.64
C LYS A 371 -27.91 43.18 -8.28
N PHE A 372 -26.64 43.13 -8.68
CA PHE A 372 -26.07 41.96 -9.34
C PHE A 372 -24.91 41.35 -8.57
N PHE A 373 -24.57 40.12 -8.96
CA PHE A 373 -23.42 39.41 -8.39
C PHE A 373 -23.05 38.28 -9.33
N MET A 374 -21.87 38.41 -9.93
CA MET A 374 -21.36 37.43 -10.87
C MET A 374 -22.26 37.30 -12.10
N GLY A 375 -22.85 38.41 -12.52
CA GLY A 375 -23.70 38.37 -13.70
C GLY A 375 -25.13 37.95 -13.42
N THR A 376 -25.43 37.62 -12.17
CA THR A 376 -26.77 37.21 -11.79
C THR A 376 -27.41 38.27 -10.89
N VAL A 377 -28.67 38.62 -11.17
CA VAL A 377 -29.34 39.62 -10.35
C VAL A 377 -29.66 38.97 -9.01
N VAL A 378 -29.31 39.64 -7.92
CA VAL A 378 -29.57 39.13 -6.59
C VAL A 378 -30.84 39.76 -6.01
N LYS A 379 -31.04 41.06 -6.26
CA LYS A 379 -32.22 41.76 -5.78
C LYS A 379 -32.79 42.64 -6.90
N LYS A 380 -34.00 42.32 -7.36
CA LYS A 380 -34.61 43.07 -8.44
C LYS A 380 -35.65 44.08 -7.97
N TYR A 381 -35.41 45.34 -8.31
CA TYR A 381 -36.33 46.40 -7.95
C TYR A 381 -37.26 46.67 -9.12
N GLU A 382 -38.24 47.52 -8.88
CA GLU A 382 -39.18 47.88 -9.93
C GLU A 382 -38.36 48.71 -10.92
N GLU A 383 -38.74 48.67 -12.19
CA GLU A 383 -38.00 49.43 -13.18
C GLU A 383 -38.06 50.94 -12.94
N ASN A 384 -36.93 51.61 -13.10
CA ASN A 384 -36.87 53.06 -12.91
C ASN A 384 -37.78 53.76 -13.90
N PRO A 385 -38.46 54.82 -13.45
CA PRO A 385 -39.36 55.59 -14.32
C PRO A 385 -38.47 56.28 -15.36
N LEU A 386 -39.03 56.58 -16.52
CA LEU A 386 -38.28 57.24 -17.56
C LEU A 386 -37.74 58.60 -17.07
N HIS A 387 -38.49 59.31 -16.24
CA HIS A 387 -38.00 60.60 -15.76
C HIS A 387 -36.71 60.47 -14.95
N PHE A 388 -36.43 59.29 -14.43
CA PHE A 388 -35.18 59.13 -13.70
C PHE A 388 -34.08 59.10 -14.72
N LEU A 389 -34.28 58.31 -15.78
CA LEU A 389 -33.27 58.23 -16.84
C LEU A 389 -33.09 59.62 -17.44
N MET A 390 -34.21 60.32 -17.63
CA MET A 390 -34.17 61.67 -18.16
C MET A 390 -33.23 62.48 -17.28
N GLY A 391 -33.36 62.32 -15.98
CA GLY A 391 -32.50 63.03 -15.05
C GLY A 391 -31.06 62.63 -15.26
N VAL A 392 -30.78 61.34 -15.34
CA VAL A 392 -29.42 60.87 -15.55
C VAL A 392 -28.84 61.39 -16.89
N TRP A 393 -29.65 61.33 -17.95
CA TRP A 393 -29.19 61.77 -19.27
C TRP A 393 -28.84 63.25 -19.30
N GLY A 394 -29.45 64.04 -18.42
CA GLY A 394 -29.17 65.47 -18.41
C GLY A 394 -28.67 65.91 -17.06
N SER A 395 -27.97 65.03 -16.37
CA SER A 395 -27.48 65.33 -15.03
C SER A 395 -26.54 66.52 -14.88
N ALA A 396 -26.13 67.12 -16.00
CA ALA A 396 -25.24 68.28 -15.92
C ALA A 396 -26.01 69.36 -15.17
N PHE A 397 -27.32 69.41 -15.38
CA PHE A 397 -28.15 70.38 -14.70
C PHE A 397 -28.36 70.06 -13.22
N SER A 398 -28.18 68.81 -12.84
CA SER A 398 -28.33 68.51 -11.42
C SER A 398 -27.03 68.88 -10.71
N ILE A 399 -25.90 68.69 -11.38
CA ILE A 399 -24.63 69.03 -10.76
C ILE A 399 -24.56 70.53 -10.54
N LEU A 400 -25.03 71.29 -11.53
CA LEU A 400 -25.03 72.73 -11.45
C LEU A 400 -26.44 73.28 -11.24
N PHE A 401 -27.25 72.60 -10.43
CA PHE A 401 -28.60 73.08 -10.24
C PHE A 401 -28.61 74.43 -9.53
N ASN A 402 -27.65 74.64 -8.65
CA ASN A 402 -27.53 75.92 -7.95
C ASN A 402 -27.54 77.02 -9.02
N ARG A 403 -26.69 76.86 -10.02
CA ARG A 403 -26.59 77.80 -11.12
C ARG A 403 -27.95 77.99 -11.81
N VAL A 404 -28.55 76.88 -12.25
CA VAL A 404 -29.84 76.93 -12.93
C VAL A 404 -30.85 77.80 -12.14
N LEU A 405 -30.54 78.03 -10.87
CA LEU A 405 -31.39 78.85 -10.01
C LEU A 405 -30.73 80.21 -9.75
N SER A 415 -22.23 84.33 -17.39
CA SER A 415 -21.56 83.08 -17.04
C SER A 415 -22.30 81.86 -17.62
N THR A 416 -21.90 81.44 -18.81
CA THR A 416 -22.53 80.29 -19.47
C THR A 416 -22.27 78.96 -18.79
N MET A 417 -23.16 78.00 -19.03
CA MET A 417 -23.01 76.68 -18.45
C MET A 417 -21.76 76.05 -19.05
N GLU A 418 -21.50 76.33 -20.32
CA GLU A 418 -20.32 75.79 -20.96
C GLU A 418 -19.09 76.29 -20.21
N GLU A 419 -19.13 77.56 -19.78
CA GLU A 419 -18.01 78.10 -19.04
C GLU A 419 -17.84 77.39 -17.71
N GLU A 420 -18.94 77.21 -16.98
CA GLU A 420 -18.89 76.53 -15.68
C GLU A 420 -18.40 75.09 -15.84
N LEU A 421 -18.71 74.51 -16.99
CA LEU A 421 -18.35 73.14 -17.31
C LEU A 421 -16.85 72.88 -17.50
N GLU A 422 -16.19 73.70 -18.30
CA GLU A 422 -14.77 73.51 -18.55
C GLU A 422 -13.94 73.43 -17.27
N ASN A 423 -14.47 73.96 -16.18
CA ASN A 423 -13.76 73.91 -14.90
C ASN A 423 -13.93 72.55 -14.21
N ILE A 424 -15.18 72.19 -13.94
CA ILE A 424 -15.52 70.93 -13.26
C ILE A 424 -14.51 69.80 -13.43
N THR A 425 -14.20 69.14 -12.32
CA THR A 425 -13.26 68.03 -12.32
C THR A 425 -13.99 66.74 -12.06
N THR A 426 -13.42 65.63 -12.51
CA THR A 426 -14.02 64.31 -12.30
C THR A 426 -14.35 64.19 -10.82
N LYS A 427 -13.40 64.57 -9.98
CA LYS A 427 -13.60 64.51 -8.54
C LYS A 427 -14.84 65.31 -8.16
N HIS A 428 -14.95 66.51 -8.71
CA HIS A 428 -16.09 67.38 -8.40
C HIS A 428 -17.46 66.77 -8.72
N ILE A 429 -17.54 65.90 -9.71
CA ILE A 429 -18.84 65.34 -10.05
C ILE A 429 -19.16 64.00 -9.43
N VAL A 430 -18.16 63.15 -9.22
CA VAL A 430 -18.41 61.85 -8.64
C VAL A 430 -18.50 61.93 -7.11
N SER A 431 -17.62 61.22 -6.42
CA SER A 431 -17.60 61.19 -4.96
C SER A 431 -18.02 62.51 -4.29
N ASN A 432 -17.53 63.64 -4.80
CA ASN A 432 -17.86 64.96 -4.23
C ASN A 432 -19.09 65.59 -4.85
N ASN A 460 -30.02 86.84 -5.65
CA ASN A 460 -30.96 86.06 -6.46
C ASN A 460 -32.10 85.44 -5.64
N GLN A 461 -33.33 85.76 -6.01
CA GLN A 461 -34.52 85.28 -5.30
C GLN A 461 -34.83 83.79 -5.45
N ALA A 462 -34.34 83.17 -6.52
CA ALA A 462 -34.59 81.75 -6.77
C ALA A 462 -33.66 80.84 -5.98
N SER A 463 -32.70 81.43 -5.26
CA SER A 463 -31.76 80.64 -4.46
C SER A 463 -32.45 80.08 -3.21
N TRP A 464 -33.55 80.70 -2.81
CA TRP A 464 -34.30 80.23 -1.65
C TRP A 464 -34.80 78.81 -1.93
N ILE A 465 -35.21 78.55 -3.17
CA ILE A 465 -35.70 77.25 -3.58
C ILE A 465 -34.65 76.17 -3.36
N HIS A 466 -33.42 76.49 -3.69
CA HIS A 466 -32.31 75.55 -3.53
C HIS A 466 -32.13 75.22 -2.05
N ARG A 467 -32.31 76.23 -1.20
CA ARG A 467 -32.17 76.02 0.24
C ARG A 467 -33.33 75.17 0.71
N MET A 468 -34.52 75.57 0.28
CA MET A 468 -35.73 74.87 0.67
C MET A 468 -35.65 73.39 0.29
N ILE A 469 -35.13 73.12 -0.91
CA ILE A 469 -35.01 71.74 -1.36
C ILE A 469 -33.99 71.01 -0.51
N MET A 470 -32.84 71.62 -0.32
CA MET A 470 -31.81 70.98 0.48
C MET A 470 -32.24 70.78 1.92
N ALA A 471 -33.05 71.70 2.43
CA ALA A 471 -33.55 71.59 3.80
C ALA A 471 -34.49 70.39 3.90
N LEU A 472 -35.40 70.28 2.94
CA LEU A 472 -36.34 69.16 2.94
C LEU A 472 -35.60 67.82 2.83
N VAL A 473 -34.55 67.81 2.03
CA VAL A 473 -33.78 66.58 1.86
C VAL A 473 -33.06 66.14 3.13
N SER A 474 -32.35 67.05 3.78
CA SER A 474 -31.65 66.64 5.00
C SER A 474 -32.66 66.31 6.10
N ASP A 475 -33.75 67.06 6.16
CA ASP A 475 -34.77 66.83 7.17
C ASP A 475 -35.36 65.42 7.06
N SER A 476 -35.42 64.88 5.85
CA SER A 476 -35.97 63.55 5.64
C SER A 476 -34.89 62.49 5.49
N ALA A 477 -33.63 62.92 5.49
CA ALA A 477 -32.52 61.98 5.36
C ALA A 477 -32.58 61.18 4.06
N LEU A 478 -33.09 61.81 3.00
CA LEU A 478 -33.19 61.15 1.71
C LEU A 478 -31.79 60.74 1.24
N PHE A 479 -30.85 61.68 1.36
CA PHE A 479 -29.45 61.47 0.99
C PHE A 479 -28.59 62.62 1.50
N ASN A 480 -27.30 62.37 1.71
CA ASN A 480 -26.39 63.37 2.22
C ASN A 480 -26.14 64.49 1.20
N THR A 481 -26.56 65.71 1.55
CA THR A 481 -26.40 66.85 0.67
C THR A 481 -24.97 67.10 0.19
N ARG A 482 -24.01 66.41 0.81
CA ARG A 482 -22.62 66.57 0.42
C ARG A 482 -22.17 65.56 -0.63
N GLU A 483 -22.91 64.47 -0.82
CA GLU A 483 -22.52 63.48 -1.81
C GLU A 483 -22.76 63.90 -3.27
N GLY A 484 -22.39 63.01 -4.18
CA GLY A 484 -22.53 63.27 -5.60
C GLY A 484 -23.92 63.57 -6.12
N ARG A 485 -24.00 64.63 -6.91
CA ARG A 485 -25.23 65.11 -7.52
C ARG A 485 -25.48 64.39 -8.83
N ALA A 486 -24.44 63.72 -9.33
CA ALA A 486 -24.47 63.05 -10.63
C ALA A 486 -25.35 61.85 -10.97
N GLY A 487 -25.75 61.03 -10.02
CA GLY A 487 -26.54 59.88 -10.42
C GLY A 487 -25.79 58.61 -10.07
N LYS A 488 -26.42 57.76 -9.28
CA LYS A 488 -25.81 56.54 -8.81
C LYS A 488 -26.67 55.33 -9.09
N VAL A 489 -26.03 54.17 -9.18
CA VAL A 489 -26.75 52.94 -9.46
C VAL A 489 -25.93 51.72 -9.04
N HIS A 490 -26.61 50.64 -8.67
CA HIS A 490 -25.89 49.44 -8.28
C HIS A 490 -25.03 48.98 -9.45
N ASN A 491 -23.83 48.51 -9.13
CA ASN A 491 -22.89 48.04 -10.13
C ASN A 491 -23.28 46.65 -10.66
N PHE A 492 -23.79 46.60 -11.89
CA PHE A 492 -24.19 45.34 -12.49
C PHE A 492 -22.99 44.48 -12.89
N MET A 493 -21.78 45.00 -12.71
CA MET A 493 -20.56 44.28 -13.03
C MET A 493 -20.00 43.60 -11.79
N LEU A 494 -20.58 43.94 -10.63
CA LEU A 494 -20.15 43.42 -9.33
C LEU A 494 -19.70 41.95 -9.28
N GLY A 495 -18.46 41.77 -8.83
CA GLY A 495 -17.87 40.44 -8.69
C GLY A 495 -17.91 39.53 -9.90
N LEU A 496 -17.66 40.08 -11.08
CA LEU A 496 -17.68 39.29 -12.29
C LEU A 496 -16.52 38.30 -12.39
N ASN A 497 -16.88 37.07 -12.72
CA ASN A 497 -15.99 35.94 -12.90
C ASN A 497 -14.55 36.31 -13.25
N LEU A 498 -14.38 37.01 -14.38
CA LEU A 498 -13.05 37.46 -14.82
C LEU A 498 -13.14 38.91 -15.28
N ASP A 539 -14.27 47.22 -14.22
CA ASP A 539 -14.57 47.52 -12.81
C ASP A 539 -15.62 46.59 -12.22
N VAL A 540 -15.15 45.57 -11.52
CA VAL A 540 -16.03 44.59 -10.89
C VAL A 540 -15.87 44.55 -9.36
N LYS A 541 -15.24 45.59 -8.80
CA LYS A 541 -15.03 45.67 -7.36
C LYS A 541 -15.39 47.05 -6.83
N SER A 542 -16.69 47.26 -6.62
CA SER A 542 -17.24 48.51 -6.09
C SER A 542 -18.75 48.34 -6.18
N LYS A 543 -19.42 48.52 -5.04
CA LYS A 543 -20.85 48.31 -4.95
C LYS A 543 -21.75 49.16 -5.83
N LYS A 544 -21.41 50.42 -6.03
CA LYS A 544 -22.24 51.29 -6.86
C LYS A 544 -21.42 51.96 -7.95
N ILE A 545 -22.07 52.50 -8.98
CA ILE A 545 -21.34 53.21 -10.02
C ILE A 545 -21.98 54.54 -10.42
N HIS A 546 -21.14 55.43 -10.94
CA HIS A 546 -21.55 56.77 -11.36
C HIS A 546 -21.94 56.87 -12.82
N VAL A 547 -23.13 57.37 -13.07
CA VAL A 547 -23.59 57.56 -14.44
C VAL A 547 -23.93 59.04 -14.57
N VAL A 548 -23.40 59.69 -15.60
CA VAL A 548 -23.62 61.12 -15.78
C VAL A 548 -23.80 61.57 -17.23
N ASP A 549 -24.30 62.79 -17.38
CA ASP A 549 -24.55 63.41 -18.67
C ASP A 549 -23.36 63.22 -19.60
N SER A 550 -23.60 62.69 -20.79
CA SER A 550 -22.52 62.48 -21.76
C SER A 550 -21.96 63.82 -22.21
N GLY A 551 -22.78 64.87 -22.08
CA GLY A 551 -22.34 66.20 -22.48
C GLY A 551 -21.08 66.67 -21.77
N LEU A 552 -20.67 65.94 -20.74
CA LEU A 552 -19.47 66.30 -19.99
C LEU A 552 -18.21 66.04 -20.82
N THR A 553 -18.32 65.24 -21.88
CA THR A 553 -17.19 64.96 -22.77
C THR A 553 -17.47 65.75 -24.04
N PHE A 554 -18.46 65.31 -24.83
CA PHE A 554 -18.85 66.06 -26.01
C PHE A 554 -20.36 65.97 -26.20
N ASN A 555 -20.90 66.93 -26.92
CA ASN A 555 -22.35 67.03 -27.11
C ASN A 555 -23.06 66.21 -28.20
N LEU A 556 -22.32 65.40 -28.95
CA LEU A 556 -22.94 64.60 -30.02
C LEU A 556 -22.82 63.12 -29.71
N PRO A 557 -23.96 62.44 -29.56
CA PRO A 557 -24.02 60.99 -29.24
C PRO A 557 -23.47 60.04 -30.31
N TYR A 558 -22.31 60.35 -30.87
CA TYR A 558 -21.74 59.50 -31.92
C TYR A 558 -21.46 58.05 -31.52
N PRO A 559 -20.96 57.82 -30.29
CA PRO A 559 -20.68 56.46 -29.84
C PRO A 559 -21.88 55.50 -30.00
N LEU A 560 -23.08 56.06 -29.96
CA LEU A 560 -24.28 55.27 -30.09
C LEU A 560 -24.49 54.67 -31.49
N ILE A 561 -24.10 55.42 -32.52
CA ILE A 561 -24.29 54.95 -33.89
C ILE A 561 -23.04 54.58 -34.65
N LEU A 562 -21.89 54.66 -33.99
CA LEU A 562 -20.66 54.30 -34.64
C LEU A 562 -20.37 52.85 -34.27
N ARG A 563 -21.27 52.27 -33.47
CA ARG A 563 -21.15 50.88 -33.05
C ARG A 563 -21.14 50.06 -34.34
N PRO A 564 -20.05 49.33 -34.58
CA PRO A 564 -19.84 48.50 -35.76
C PRO A 564 -21.09 47.75 -36.17
N GLN A 565 -21.60 46.95 -35.24
CA GLN A 565 -22.79 46.13 -35.46
C GLN A 565 -24.04 46.86 -35.91
N ARG A 566 -24.06 48.18 -35.92
CA ARG A 566 -25.25 48.87 -36.39
C ARG A 566 -25.11 49.27 -37.86
N GLY A 567 -23.87 49.23 -38.36
CA GLY A 567 -23.60 49.59 -39.75
C GLY A 567 -24.25 50.85 -40.28
N VAL A 568 -24.22 51.93 -39.52
CA VAL A 568 -24.82 53.16 -40.01
C VAL A 568 -23.90 53.78 -41.07
N ASP A 569 -24.48 54.13 -42.21
CA ASP A 569 -23.69 54.71 -43.28
C ASP A 569 -23.99 56.18 -43.52
N LEU A 570 -25.20 56.59 -43.20
CA LEU A 570 -25.61 57.99 -43.34
C LEU A 570 -26.06 58.55 -41.97
N ILE A 571 -25.30 59.51 -41.43
CA ILE A 571 -25.59 60.12 -40.14
C ILE A 571 -26.04 61.56 -40.32
N ILE A 572 -27.32 61.83 -40.12
CA ILE A 572 -27.88 63.17 -40.25
C ILE A 572 -27.95 63.87 -38.87
N SER A 573 -26.83 64.46 -38.47
CA SER A 573 -26.67 65.13 -37.18
C SER A 573 -27.22 66.55 -37.03
N PHE A 574 -27.70 66.86 -35.84
CA PHE A 574 -28.21 68.19 -35.54
C PHE A 574 -27.55 68.70 -34.26
N ASP A 575 -26.77 69.78 -34.39
CA ASP A 575 -26.03 70.35 -33.27
C ASP A 575 -26.58 71.65 -32.69
N PHE A 576 -26.93 71.60 -31.40
CA PHE A 576 -27.46 72.74 -30.68
C PHE A 576 -26.47 73.17 -29.61
N SER A 577 -25.21 72.76 -29.74
CA SER A 577 -24.17 73.15 -28.79
C SER A 577 -24.07 74.68 -28.73
N ALA A 578 -23.76 75.20 -27.55
CA ALA A 578 -23.62 76.64 -27.39
C ALA A 578 -22.28 77.08 -28.01
N ARG A 579 -22.29 78.21 -28.70
CA ARG A 579 -21.08 78.75 -29.30
C ARG A 579 -20.86 80.12 -28.68
N PRO A 580 -19.60 80.56 -28.55
CA PRO A 580 -19.33 81.88 -27.95
C PRO A 580 -20.18 82.96 -28.63
N SER A 581 -20.42 82.79 -29.92
CA SER A 581 -21.19 83.75 -30.69
C SER A 581 -21.81 83.11 -31.93
N ASP A 582 -22.83 83.77 -32.47
CA ASP A 582 -23.50 83.28 -33.68
C ASP A 582 -22.55 83.16 -34.86
N SER A 583 -21.41 83.84 -34.80
CA SER A 583 -20.41 83.79 -35.86
C SER A 583 -19.32 82.78 -35.56
N SER A 584 -19.29 82.30 -34.32
CA SER A 584 -18.27 81.34 -33.92
C SER A 584 -18.37 80.03 -34.72
N PRO A 585 -17.23 79.48 -35.15
CA PRO A 585 -17.21 78.22 -35.91
C PRO A 585 -17.90 77.13 -35.09
N PRO A 586 -18.78 76.34 -35.73
CA PRO A 586 -19.48 75.27 -35.00
C PRO A 586 -18.94 73.86 -35.14
N PHE A 587 -17.66 73.62 -34.85
CA PHE A 587 -17.10 72.29 -34.99
C PHE A 587 -16.38 71.76 -33.77
N LYS A 588 -16.48 72.49 -32.67
CA LYS A 588 -15.82 72.10 -31.44
C LYS A 588 -16.19 70.66 -31.06
N GLU A 589 -17.48 70.44 -30.88
CA GLU A 589 -18.00 69.14 -30.51
C GLU A 589 -17.72 68.07 -31.56
N LEU A 590 -17.96 68.40 -32.82
CA LEU A 590 -17.74 67.47 -33.92
C LEU A 590 -16.31 66.96 -33.94
N LEU A 591 -15.35 67.88 -33.83
CA LEU A 591 -13.95 67.48 -33.83
C LEU A 591 -13.66 66.58 -32.63
N LEU A 592 -14.34 66.86 -31.51
CA LEU A 592 -14.15 66.04 -30.31
C LEU A 592 -14.66 64.62 -30.57
N ALA A 593 -15.78 64.51 -31.27
CA ALA A 593 -16.33 63.21 -31.58
C ALA A 593 -15.38 62.53 -32.56
N GLU A 594 -14.81 63.31 -33.47
CA GLU A 594 -13.88 62.77 -34.45
C GLU A 594 -12.66 62.23 -33.75
N LYS A 595 -12.26 62.90 -32.68
CA LYS A 595 -11.09 62.46 -31.93
C LYS A 595 -11.41 61.19 -31.16
N TRP A 596 -12.64 61.12 -30.64
CA TRP A 596 -13.07 59.95 -29.89
C TRP A 596 -13.01 58.74 -30.82
N ALA A 597 -13.65 58.90 -31.98
CA ALA A 597 -13.69 57.86 -33.00
C ALA A 597 -12.30 57.29 -33.31
N LYS A 598 -11.35 58.16 -33.62
CA LYS A 598 -10.00 57.72 -33.94
C LYS A 598 -9.44 56.98 -32.74
N MET A 599 -9.66 57.55 -31.56
CA MET A 599 -9.17 56.96 -30.32
C MET A 599 -9.69 55.53 -30.15
N ASN A 600 -10.91 55.27 -30.61
CA ASN A 600 -11.49 53.94 -30.49
C ASN A 600 -11.44 53.15 -31.79
N LYS A 601 -10.66 53.62 -32.75
CA LYS A 601 -10.57 52.91 -34.01
C LYS A 601 -11.93 52.68 -34.64
N LEU A 602 -12.73 53.73 -34.80
CA LEU A 602 -14.05 53.61 -35.43
C LEU A 602 -14.13 54.57 -36.61
N PRO A 603 -14.58 54.08 -37.77
CA PRO A 603 -14.71 54.87 -39.00
C PRO A 603 -15.40 56.22 -38.81
N PHE A 604 -14.76 57.28 -39.31
CA PHE A 604 -15.29 58.64 -39.19
C PHE A 604 -14.74 59.43 -40.36
N PRO A 605 -15.62 60.07 -41.16
CA PRO A 605 -15.09 60.85 -42.30
C PRO A 605 -14.19 61.94 -41.77
N LYS A 606 -13.13 62.25 -42.52
CA LYS A 606 -12.19 63.29 -42.09
C LYS A 606 -12.85 64.65 -42.12
N ILE A 607 -12.79 65.35 -40.99
CA ILE A 607 -13.36 66.69 -40.91
C ILE A 607 -12.21 67.61 -41.26
N ASP A 608 -12.28 68.26 -42.42
CA ASP A 608 -11.19 69.14 -42.83
C ASP A 608 -11.09 70.31 -41.87
N PRO A 609 -9.88 70.57 -41.36
CA PRO A 609 -9.51 71.63 -40.41
C PRO A 609 -9.68 73.05 -40.92
N TYR A 610 -10.23 73.19 -42.13
CA TYR A 610 -10.44 74.50 -42.74
C TYR A 610 -11.84 74.59 -43.32
N VAL A 611 -12.69 73.64 -42.98
CA VAL A 611 -14.04 73.62 -43.50
C VAL A 611 -14.72 74.96 -43.29
N PHE A 612 -14.58 75.53 -42.09
CA PHE A 612 -15.21 76.82 -41.79
C PHE A 612 -14.54 78.00 -42.47
N ASP A 613 -13.21 78.01 -42.46
CA ASP A 613 -12.44 79.08 -43.08
C ASP A 613 -12.86 79.28 -44.52
N ARG A 614 -12.93 78.18 -45.26
CA ARG A 614 -13.30 78.23 -46.67
C ARG A 614 -14.80 78.34 -46.89
N GLU A 615 -15.59 77.77 -45.99
CA GLU A 615 -17.04 77.78 -46.12
C GLU A 615 -17.77 78.97 -45.50
N GLY A 616 -17.40 79.32 -44.27
CA GLY A 616 -18.09 80.39 -43.57
C GLY A 616 -19.24 79.70 -42.82
N LEU A 617 -20.04 80.48 -42.11
CA LEU A 617 -21.16 79.90 -41.37
C LEU A 617 -22.24 79.47 -42.35
N LYS A 618 -22.64 78.19 -42.24
CA LYS A 618 -23.66 77.59 -43.11
C LYS A 618 -24.74 76.90 -42.26
N GLU A 619 -25.93 76.66 -42.83
CA GLU A 619 -27.00 75.98 -42.09
C GLU A 619 -26.66 74.50 -41.84
N CYS A 620 -25.82 73.92 -42.68
CA CYS A 620 -25.36 72.55 -42.53
C CYS A 620 -24.19 72.26 -43.48
N TYR A 621 -23.36 71.31 -43.11
CA TYR A 621 -22.21 70.93 -43.92
C TYR A 621 -22.26 69.42 -44.15
N VAL A 622 -21.60 68.97 -45.20
CA VAL A 622 -21.58 67.55 -45.54
C VAL A 622 -20.14 67.06 -45.46
N PHE A 623 -19.94 65.87 -44.90
CA PHE A 623 -18.59 65.32 -44.78
C PHE A 623 -18.52 63.91 -45.37
N LYS A 624 -18.28 63.82 -46.69
CA LYS A 624 -18.18 62.55 -47.38
C LYS A 624 -16.96 61.78 -46.87
N PRO A 625 -17.00 60.44 -46.98
CA PRO A 625 -15.89 59.58 -46.52
C PRO A 625 -14.50 60.00 -46.99
N LYS A 626 -13.99 59.32 -48.02
CA LYS A 626 -12.67 59.60 -48.57
C LYS A 626 -12.37 58.67 -49.73
N ASN A 627 -11.67 59.19 -50.74
CA ASN A 627 -11.31 58.40 -51.93
C ASN A 627 -10.74 57.03 -51.54
N PRO A 628 -9.73 57.00 -50.64
CA PRO A 628 -9.13 55.73 -50.24
C PRO A 628 -10.13 54.77 -49.58
N ASP A 629 -9.67 53.56 -49.32
CA ASP A 629 -10.52 52.55 -48.70
C ASP A 629 -9.76 51.69 -47.69
N MET A 630 -9.14 52.34 -46.70
CA MET A 630 -8.39 51.63 -45.65
C MET A 630 -9.29 50.53 -45.08
N GLU A 631 -10.38 50.96 -44.45
CA GLU A 631 -11.39 50.08 -43.88
C GLU A 631 -12.66 50.79 -44.32
N LYS A 632 -12.60 51.28 -45.55
CA LYS A 632 -13.64 52.05 -46.22
C LYS A 632 -15.10 51.86 -45.83
N ASP A 633 -15.94 52.56 -46.56
CA ASP A 633 -17.37 52.57 -46.32
C ASP A 633 -17.51 52.94 -44.85
N CYS A 634 -17.06 54.16 -44.55
CA CYS A 634 -17.18 54.72 -43.22
C CYS A 634 -18.39 55.60 -43.47
N PRO A 635 -19.10 55.99 -42.43
CA PRO A 635 -20.29 56.80 -42.70
C PRO A 635 -20.06 58.18 -43.32
N THR A 636 -21.13 58.72 -43.88
CA THR A 636 -21.12 60.06 -44.43
C THR A 636 -21.91 60.84 -43.38
N ILE A 637 -21.45 62.04 -43.03
CA ILE A 637 -22.13 62.84 -42.03
C ILE A 637 -22.68 64.16 -42.57
N ILE A 638 -23.95 64.44 -42.28
CA ILE A 638 -24.53 65.71 -42.67
C ILE A 638 -24.70 66.40 -41.32
N HIS A 639 -23.91 67.45 -41.13
CA HIS A 639 -23.85 68.20 -39.88
C HIS A 639 -24.66 69.50 -39.86
N PHE A 640 -25.89 69.46 -39.35
CA PHE A 640 -26.69 70.67 -39.25
C PHE A 640 -26.24 71.47 -38.01
N VAL A 641 -26.28 72.79 -38.11
CA VAL A 641 -25.84 73.61 -36.99
C VAL A 641 -26.89 74.64 -36.67
N LEU A 642 -26.96 75.06 -35.42
CA LEU A 642 -27.96 76.05 -35.01
C LEU A 642 -27.43 77.43 -35.39
N ALA A 643 -28.08 78.03 -36.39
CA ALA A 643 -27.72 79.35 -36.90
C ALA A 643 -28.92 79.96 -37.63
N ASN A 644 -29.19 81.24 -37.37
CA ASN A 644 -30.30 81.94 -38.01
C ASN A 644 -29.80 82.69 -39.25
N ILE A 645 -29.80 81.99 -40.38
CA ILE A 645 -29.34 82.54 -41.66
C ILE A 645 -30.50 82.88 -42.61
N ASN A 646 -30.80 81.97 -43.56
CA ASN A 646 -31.87 82.24 -44.51
C ASN A 646 -33.23 82.51 -43.89
N PHE A 647 -33.48 81.87 -42.75
CA PHE A 647 -34.75 82.02 -42.03
C PHE A 647 -35.11 83.49 -41.80
N ARG A 648 -34.12 84.37 -41.80
CA ARG A 648 -34.35 85.80 -41.57
C ARG A 648 -35.13 86.45 -42.70
N LYS A 649 -34.97 85.93 -43.91
CA LYS A 649 -35.64 86.50 -45.06
C LYS A 649 -36.78 85.64 -45.61
N TYR A 650 -36.79 84.35 -45.27
CA TYR A 650 -37.81 83.42 -45.75
C TYR A 650 -38.68 82.78 -44.67
N LYS A 651 -39.97 82.65 -44.98
CA LYS A 651 -40.95 82.02 -44.09
C LYS A 651 -40.95 80.51 -44.33
N ALA A 652 -40.59 80.11 -45.55
CA ALA A 652 -40.51 78.71 -45.94
C ALA A 652 -39.36 78.62 -46.94
N PRO A 653 -38.86 77.40 -47.20
CA PRO A 653 -37.74 77.21 -48.14
C PRO A 653 -37.67 78.17 -49.33
N GLY A 654 -38.67 78.13 -50.21
CA GLY A 654 -38.64 79.02 -51.36
C GLY A 654 -39.57 80.23 -51.24
N VAL A 655 -40.10 80.45 -50.04
CA VAL A 655 -41.01 81.56 -49.82
C VAL A 655 -40.36 82.67 -49.01
N PRO A 656 -40.26 83.87 -49.60
CA PRO A 656 -39.66 85.02 -48.92
C PRO A 656 -40.67 85.70 -47.98
N ARG A 657 -40.16 86.39 -46.96
CA ARG A 657 -41.02 87.11 -46.01
C ARG A 657 -41.40 88.44 -46.65
N GLU A 658 -42.70 88.75 -46.68
CA GLU A 658 -43.15 89.99 -47.30
C GLU A 658 -43.60 91.11 -46.38
N THR A 659 -44.49 90.82 -45.44
CA THR A 659 -44.98 91.85 -44.52
C THR A 659 -43.93 92.23 -43.47
N GLU A 660 -44.02 93.47 -43.00
CA GLU A 660 -43.07 93.98 -42.01
C GLU A 660 -43.05 93.10 -40.76
N GLU A 661 -44.22 92.55 -40.44
CA GLU A 661 -44.36 91.69 -39.27
C GLU A 661 -43.55 90.39 -39.43
N GLU A 662 -43.61 89.81 -40.63
CA GLU A 662 -42.88 88.58 -40.94
C GLU A 662 -41.39 88.75 -40.73
N LYS A 663 -40.85 89.87 -41.22
CA LYS A 663 -39.43 90.13 -41.08
C LYS A 663 -39.01 90.25 -39.62
N GLU A 664 -39.94 90.75 -38.79
CA GLU A 664 -39.71 90.97 -37.35
C GLU A 664 -39.44 89.72 -36.50
N ILE A 665 -40.36 88.76 -36.53
CA ILE A 665 -40.21 87.54 -35.75
C ILE A 665 -38.93 86.75 -36.00
N ALA A 666 -38.38 86.91 -37.21
CA ALA A 666 -37.16 86.21 -37.59
C ALA A 666 -35.91 87.01 -37.26
N ASP A 667 -36.11 88.29 -36.94
CA ASP A 667 -35.00 89.18 -36.62
C ASP A 667 -34.50 88.98 -35.18
N PHE A 668 -33.65 87.97 -34.98
CA PHE A 668 -33.14 87.69 -33.64
C PHE A 668 -31.83 86.91 -33.69
N ASP A 669 -31.10 86.94 -32.58
CA ASP A 669 -29.84 86.21 -32.49
C ASP A 669 -29.97 85.15 -31.41
N ILE A 670 -29.14 84.12 -31.50
CA ILE A 670 -29.14 83.04 -30.55
C ILE A 670 -28.13 83.31 -29.44
N PHE A 671 -26.87 83.37 -29.81
CA PHE A 671 -25.80 83.62 -28.83
C PHE A 671 -25.30 85.07 -28.80
N ASP A 672 -25.55 85.82 -29.86
CA ASP A 672 -25.10 87.21 -29.95
C ASP A 672 -25.85 88.17 -29.03
N ASP A 673 -27.10 87.82 -28.70
CA ASP A 673 -27.90 88.67 -27.83
C ASP A 673 -27.50 88.50 -26.36
N PRO A 674 -27.43 89.61 -25.61
CA PRO A 674 -27.06 89.55 -24.19
C PRO A 674 -28.21 89.03 -23.35
N GLU A 675 -29.43 89.39 -23.73
CA GLU A 675 -30.62 88.94 -23.02
C GLU A 675 -31.32 87.87 -23.83
N SER A 676 -30.61 86.79 -24.16
CA SER A 676 -31.17 85.71 -24.95
C SER A 676 -31.78 84.58 -24.14
N PRO A 677 -33.00 84.17 -24.51
CA PRO A 677 -33.70 83.10 -23.82
C PRO A 677 -33.13 81.73 -24.18
N PHE A 678 -32.15 81.71 -25.08
CA PHE A 678 -31.59 80.45 -25.53
C PHE A 678 -30.31 79.95 -24.86
N SER A 679 -29.95 80.52 -23.70
CA SER A 679 -28.77 80.03 -23.02
C SER A 679 -29.07 78.66 -22.40
N THR A 680 -28.06 77.82 -22.34
CA THR A 680 -28.23 76.49 -21.80
C THR A 680 -28.92 76.43 -20.42
N PHE A 681 -28.57 77.33 -19.52
CA PHE A 681 -29.15 77.39 -18.18
C PHE A 681 -30.65 77.72 -18.13
N ASN A 682 -31.16 78.41 -19.14
CA ASN A 682 -32.58 78.79 -19.11
C ASN A 682 -33.61 77.73 -19.40
N PHE A 683 -34.69 77.74 -18.63
CA PHE A 683 -35.76 76.77 -18.82
C PHE A 683 -37.11 77.38 -19.14
N GLN A 684 -37.28 78.68 -18.93
CA GLN A 684 -38.58 79.29 -19.25
C GLN A 684 -38.58 79.83 -20.68
N TYR A 685 -39.38 79.22 -21.52
CA TYR A 685 -39.49 79.62 -22.91
C TYR A 685 -40.86 80.19 -23.23
N PRO A 686 -40.99 81.52 -23.23
CA PRO A 686 -42.27 82.13 -23.55
C PRO A 686 -42.61 81.69 -24.96
N ASN A 687 -43.87 81.75 -25.35
CA ASN A 687 -44.29 81.32 -26.67
C ASN A 687 -43.48 81.86 -27.86
N GLN A 688 -43.14 83.14 -27.84
CA GLN A 688 -42.38 83.70 -28.94
C GLN A 688 -41.00 83.06 -29.06
N ALA A 689 -40.33 82.87 -27.93
CA ALA A 689 -39.02 82.26 -27.94
C ALA A 689 -39.12 80.82 -28.45
N PHE A 690 -40.18 80.13 -28.05
CA PHE A 690 -40.38 78.74 -28.46
C PHE A 690 -40.59 78.64 -29.97
N LYS A 691 -41.48 79.47 -30.49
CA LYS A 691 -41.78 79.47 -31.92
C LYS A 691 -40.55 79.80 -32.75
N ARG A 692 -39.76 80.78 -32.30
CA ARG A 692 -38.57 81.17 -33.02
C ARG A 692 -37.60 80.02 -33.21
N LEU A 693 -37.14 79.45 -32.10
CA LEU A 693 -36.18 78.35 -32.15
C LEU A 693 -36.76 77.11 -32.82
N HIS A 694 -38.06 76.91 -32.65
CA HIS A 694 -38.77 75.76 -33.23
C HIS A 694 -38.88 75.93 -34.73
N ASP A 695 -39.44 77.07 -35.14
CA ASP A 695 -39.60 77.36 -36.56
C ASP A 695 -38.25 77.47 -37.27
N LEU A 696 -37.26 78.00 -36.56
CA LEU A 696 -35.94 78.12 -37.14
C LEU A 696 -35.42 76.76 -37.56
N MET A 697 -35.27 75.82 -36.63
CA MET A 697 -34.77 74.50 -36.98
C MET A 697 -35.70 73.76 -37.92
N HIS A 698 -36.97 74.12 -37.88
CA HIS A 698 -37.95 73.50 -38.76
C HIS A 698 -37.58 73.89 -40.19
N PHE A 699 -37.49 75.20 -40.40
CA PHE A 699 -37.13 75.78 -41.68
C PHE A 699 -35.77 75.24 -42.17
N ASN A 700 -34.74 75.42 -41.35
CA ASN A 700 -33.41 74.96 -41.69
C ASN A 700 -33.37 73.51 -42.16
N THR A 701 -34.21 72.67 -41.56
CA THR A 701 -34.21 71.26 -41.92
C THR A 701 -34.84 71.12 -43.31
N LEU A 702 -35.98 71.78 -43.48
CA LEU A 702 -36.71 71.75 -44.72
C LEU A 702 -35.96 72.45 -45.85
N ASN A 703 -35.29 73.54 -45.51
CA ASN A 703 -34.55 74.31 -46.50
C ASN A 703 -33.33 73.56 -47.02
N ASN A 704 -33.11 72.34 -46.53
CA ASN A 704 -31.97 71.55 -46.97
C ASN A 704 -32.28 70.08 -47.28
N ILE A 705 -33.55 69.75 -47.48
CA ILE A 705 -33.93 68.36 -47.79
C ILE A 705 -33.07 67.83 -48.94
N ASP A 706 -32.99 68.61 -50.01
CA ASP A 706 -32.22 68.25 -51.19
C ASP A 706 -30.81 67.72 -50.86
N VAL A 707 -30.17 68.30 -49.85
CA VAL A 707 -28.84 67.87 -49.45
C VAL A 707 -28.86 66.45 -48.91
N ILE A 708 -29.96 66.09 -48.25
CA ILE A 708 -30.13 64.76 -47.67
C ILE A 708 -30.50 63.78 -48.78
N LYS A 709 -31.49 64.14 -49.57
CA LYS A 709 -31.91 63.31 -50.68
C LYS A 709 -30.64 62.92 -51.45
N GLU A 710 -29.78 63.90 -51.68
CA GLU A 710 -28.52 63.66 -52.39
C GLU A 710 -27.64 62.65 -51.67
N ALA A 711 -27.38 62.90 -50.39
CA ALA A 711 -26.51 62.00 -49.61
C ALA A 711 -27.05 60.58 -49.54
N MET A 712 -28.36 60.42 -49.64
CA MET A 712 -28.94 59.09 -49.61
C MET A 712 -28.61 58.40 -50.92
N VAL A 713 -28.91 59.10 -52.02
CA VAL A 713 -28.65 58.60 -53.36
C VAL A 713 -27.20 58.14 -53.44
N GLU A 714 -26.29 58.97 -52.95
CA GLU A 714 -24.87 58.62 -52.96
C GLU A 714 -24.63 57.41 -52.07
N SER A 715 -25.42 57.30 -51.00
CA SER A 715 -25.32 56.19 -50.07
C SER A 715 -25.76 54.91 -50.76
N ILE A 716 -26.82 55.01 -51.57
CA ILE A 716 -27.34 53.87 -52.31
C ILE A 716 -26.30 53.34 -53.30
N GLU A 717 -25.69 54.24 -54.06
CA GLU A 717 -24.68 53.90 -55.07
C GLU A 717 -23.42 53.33 -54.41
N TYR A 718 -23.28 53.57 -53.11
CA TYR A 718 -22.12 53.06 -52.38
C TYR A 718 -22.47 51.65 -51.95
N ARG A 719 -23.77 51.40 -51.79
CA ARG A 719 -24.28 50.09 -51.40
C ARG A 719 -24.36 49.20 -52.63
N ARG A 720 -23.63 49.59 -53.66
CA ARG A 720 -23.55 48.84 -54.91
C ARG A 720 -22.08 48.43 -55.04
N GLN A 721 -21.49 48.13 -53.89
CA GLN A 721 -20.09 47.73 -53.82
C GLN A 721 -19.75 47.30 -52.39
N GLN B 15 53.77 -71.64 28.97
CA GLN B 15 54.24 -70.62 29.90
C GLN B 15 53.40 -70.67 31.18
N TYR B 16 53.95 -71.26 32.23
CA TYR B 16 53.27 -71.38 33.50
C TYR B 16 53.45 -70.11 34.31
N SER B 17 52.50 -69.82 35.20
CA SER B 17 52.58 -68.63 36.04
C SER B 17 52.34 -69.02 37.49
N HIS B 18 52.50 -68.05 38.39
CA HIS B 18 52.30 -68.31 39.81
C HIS B 18 51.05 -67.65 40.36
N LYS B 19 50.37 -68.36 41.25
CA LYS B 19 49.19 -67.82 41.90
C LYS B 19 49.58 -67.54 43.35
N PHE B 20 49.80 -66.26 43.65
CA PHE B 20 50.21 -65.79 44.97
C PHE B 20 49.01 -65.30 45.78
N THR B 21 48.71 -66.00 46.87
CA THR B 21 47.59 -65.63 47.71
C THR B 21 47.99 -65.00 49.05
N VAL B 22 47.45 -63.82 49.32
CA VAL B 22 47.74 -63.12 50.56
C VAL B 22 46.49 -62.87 51.40
N VAL B 23 46.49 -63.36 52.63
CA VAL B 23 45.36 -63.15 53.52
C VAL B 23 45.79 -62.17 54.61
N VAL B 24 45.28 -60.95 54.56
CA VAL B 24 45.62 -59.97 55.59
C VAL B 24 44.77 -60.33 56.79
N LEU B 25 45.38 -60.93 57.79
CA LEU B 25 44.65 -61.36 58.98
C LEU B 25 44.30 -60.25 59.95
N ARG B 26 45.28 -59.82 60.73
CA ARG B 26 45.05 -58.80 61.75
C ARG B 26 46.30 -57.97 62.06
N ALA B 27 46.16 -57.07 63.03
CA ALA B 27 47.25 -56.22 63.47
C ALA B 27 46.92 -55.73 64.87
N THR B 28 47.96 -55.56 65.70
CA THR B 28 47.75 -55.10 67.07
C THR B 28 48.62 -53.89 67.41
N LYS B 29 48.19 -53.14 68.41
CA LYS B 29 48.90 -51.95 68.86
C LYS B 29 49.22 -50.97 67.73
N VAL B 30 48.26 -50.75 66.84
CA VAL B 30 48.44 -49.81 65.74
C VAL B 30 48.47 -48.41 66.38
N THR B 31 49.54 -47.65 66.13
CA THR B 31 49.66 -46.34 66.73
C THR B 31 50.45 -45.34 65.88
N LYS B 32 50.24 -44.06 66.19
CA LYS B 32 50.93 -42.95 65.53
C LYS B 32 51.80 -42.26 66.58
N GLY B 33 51.79 -42.82 67.79
CA GLY B 33 52.53 -42.23 68.90
C GLY B 33 51.47 -41.66 69.82
N ALA B 34 51.78 -41.55 71.11
CA ALA B 34 50.83 -41.01 72.09
C ALA B 34 50.09 -39.78 71.57
N PHE B 35 50.85 -38.78 71.15
CA PHE B 35 50.27 -37.52 70.66
C PHE B 35 49.35 -37.69 69.45
N GLY B 36 49.88 -38.30 68.38
CA GLY B 36 49.06 -38.52 67.19
C GLY B 36 47.81 -39.31 67.54
N ASP B 37 47.94 -40.28 68.44
CA ASP B 37 46.80 -41.10 68.86
C ASP B 37 45.70 -40.26 69.49
N MET B 38 46.10 -39.27 70.30
CA MET B 38 45.12 -38.42 70.94
C MET B 38 44.37 -37.52 69.96
N LEU B 39 45.04 -37.05 68.90
CA LEU B 39 44.39 -36.20 67.92
C LEU B 39 43.44 -36.98 67.00
N ASP B 40 43.74 -38.25 66.78
CA ASP B 40 42.92 -39.09 65.91
C ASP B 40 43.27 -40.56 66.09
N THR B 41 42.39 -41.30 66.76
CA THR B 41 42.63 -42.71 66.96
C THR B 41 42.67 -43.35 65.58
N PRO B 42 43.72 -44.12 65.29
CA PRO B 42 43.92 -44.80 64.01
C PRO B 42 42.69 -45.51 63.44
N ASP B 43 42.47 -45.29 62.14
CA ASP B 43 41.37 -45.86 61.36
C ASP B 43 42.14 -46.65 60.30
N PRO B 44 42.63 -47.83 60.67
CA PRO B 44 43.41 -48.67 59.78
C PRO B 44 42.83 -49.58 58.71
N TYR B 45 43.64 -49.71 57.66
CA TYR B 45 43.39 -50.60 56.54
C TYR B 45 44.76 -50.91 55.96
N VAL B 46 44.85 -52.01 55.22
CA VAL B 46 46.11 -52.41 54.62
C VAL B 46 46.03 -52.30 53.12
N GLU B 47 47.09 -51.80 52.51
CA GLU B 47 47.16 -51.68 51.07
C GLU B 47 48.32 -52.56 50.55
N LEU B 48 48.02 -53.39 49.56
CA LEU B 48 49.00 -54.28 48.96
C LEU B 48 49.35 -53.83 47.56
N PHE B 49 50.59 -54.08 47.15
CA PHE B 49 51.02 -53.68 45.83
C PHE B 49 52.21 -54.53 45.32
N ILE B 50 52.14 -54.92 44.05
CA ILE B 50 53.20 -55.70 43.41
C ILE B 50 53.43 -55.08 42.02
N SER B 51 54.47 -54.28 41.89
CA SER B 51 54.76 -53.57 40.65
C SER B 51 55.12 -54.37 39.41
N THR B 52 55.17 -55.70 39.53
CA THR B 52 55.53 -56.51 38.37
C THR B 52 54.34 -57.25 37.79
N THR B 53 53.14 -56.89 38.24
CA THR B 53 51.92 -57.50 37.72
C THR B 53 50.99 -56.35 37.36
N PRO B 54 50.12 -56.56 36.38
CA PRO B 54 49.18 -55.51 35.97
C PRO B 54 48.08 -55.31 37.02
N ASP B 55 47.88 -54.05 37.42
CA ASP B 55 46.88 -53.71 38.44
C ASP B 55 47.04 -54.58 39.67
N SER B 56 48.02 -54.24 40.49
CA SER B 56 48.30 -55.00 41.70
C SER B 56 47.81 -54.32 42.98
N ARG B 57 47.63 -53.00 42.94
CA ARG B 57 47.18 -52.28 44.12
C ARG B 57 45.83 -52.78 44.60
N LYS B 58 45.77 -53.15 45.87
CA LYS B 58 44.56 -53.65 46.48
C LYS B 58 44.55 -53.14 47.91
N ARG B 59 43.42 -53.29 48.61
CA ARG B 59 43.35 -52.83 49.97
C ARG B 59 42.16 -53.39 50.70
N THR B 60 42.32 -53.53 52.01
CA THR B 60 41.25 -54.06 52.83
C THR B 60 40.32 -52.89 53.14
N ARG B 61 39.32 -53.14 53.97
CA ARG B 61 38.39 -52.11 54.37
C ARG B 61 39.04 -51.54 55.62
N HIS B 62 38.63 -50.35 56.04
CA HIS B 62 39.20 -49.75 57.23
C HIS B 62 38.27 -49.96 58.41
N PHE B 63 38.78 -49.68 59.61
CA PHE B 63 38.01 -49.79 60.86
C PHE B 63 38.17 -48.46 61.59
N ASN B 64 37.08 -47.91 62.08
CA ASN B 64 37.16 -46.62 62.76
C ASN B 64 37.68 -46.71 64.19
N ASN B 65 38.79 -46.03 64.45
CA ASN B 65 39.36 -46.00 65.79
C ASN B 65 39.54 -47.39 66.39
N ASP B 66 40.17 -48.28 65.64
CA ASP B 66 40.40 -49.63 66.10
C ASP B 66 41.91 -49.86 66.02
N ILE B 67 42.55 -50.05 67.17
CA ILE B 67 43.99 -50.23 67.16
C ILE B 67 44.44 -51.69 67.12
N ASN B 68 43.47 -52.61 67.11
CA ASN B 68 43.73 -54.06 67.02
C ASN B 68 42.78 -54.64 65.96
N PRO B 69 42.79 -54.07 64.75
CA PRO B 69 41.91 -54.56 63.68
C PRO B 69 42.13 -55.98 63.21
N VAL B 70 41.01 -56.62 62.89
CA VAL B 70 40.98 -57.98 62.37
C VAL B 70 40.21 -57.90 61.05
N TRP B 71 40.95 -58.00 59.94
CA TRP B 71 40.40 -57.92 58.59
C TRP B 71 40.02 -59.26 57.97
N ASN B 72 40.92 -60.23 58.04
CA ASN B 72 40.66 -61.55 57.46
C ASN B 72 40.18 -61.41 56.01
N GLU B 73 40.94 -60.67 55.21
CA GLU B 73 40.62 -60.47 53.80
C GLU B 73 41.67 -61.14 52.90
N THR B 74 41.20 -61.74 51.81
CA THR B 74 42.07 -62.46 50.88
C THR B 74 42.22 -61.78 49.54
N PHE B 75 43.44 -61.79 49.02
CA PHE B 75 43.74 -61.18 47.74
C PHE B 75 44.56 -62.18 46.92
N GLU B 76 44.49 -62.08 45.59
CA GLU B 76 45.25 -62.99 44.76
C GLU B 76 45.98 -62.24 43.68
N PHE B 77 47.15 -62.74 43.30
CA PHE B 77 47.96 -62.13 42.26
C PHE B 77 48.52 -63.22 41.33
N ILE B 78 48.65 -62.90 40.06
CA ILE B 78 49.20 -63.83 39.11
C ILE B 78 50.56 -63.25 38.81
N LEU B 79 51.61 -64.00 39.13
CA LEU B 79 52.96 -63.51 38.93
C LEU B 79 53.75 -64.21 37.86
N ASP B 80 54.72 -63.48 37.30
CA ASP B 80 55.60 -64.03 36.30
C ASP B 80 56.80 -64.51 37.13
N PRO B 81 56.90 -65.83 37.35
CA PRO B 81 58.01 -66.38 38.13
C PRO B 81 59.38 -65.96 37.65
N ASN B 82 59.45 -65.42 36.44
CA ASN B 82 60.73 -64.99 35.88
C ASN B 82 61.12 -63.61 36.37
N GLN B 83 60.25 -63.00 37.18
CA GLN B 83 60.53 -61.67 37.69
C GLN B 83 60.67 -61.62 39.20
N GLU B 84 61.37 -60.60 39.67
CA GLU B 84 61.57 -60.42 41.10
C GLU B 84 60.30 -59.78 41.62
N ASN B 85 59.38 -60.61 42.09
CA ASN B 85 58.11 -60.14 42.61
C ASN B 85 58.14 -59.82 44.11
N VAL B 86 57.95 -58.54 44.43
CA VAL B 86 57.94 -58.09 45.81
C VAL B 86 56.61 -57.47 46.21
N LEU B 87 56.05 -57.98 47.30
CA LEU B 87 54.79 -57.46 47.79
C LEU B 87 55.08 -56.27 48.70
N GLU B 88 54.56 -55.10 48.34
CA GLU B 88 54.73 -53.93 49.17
C GLU B 88 53.48 -53.91 50.03
N ILE B 89 53.67 -53.84 51.35
CA ILE B 89 52.56 -53.85 52.30
C ILE B 89 52.54 -52.52 53.05
N THR B 90 51.39 -51.85 53.04
CA THR B 90 51.28 -50.57 53.73
C THR B 90 50.14 -50.52 54.73
N LEU B 91 50.47 -50.06 55.94
CA LEU B 91 49.48 -49.90 57.01
C LEU B 91 49.08 -48.46 56.83
N MET B 92 47.79 -48.23 56.62
CA MET B 92 47.29 -46.88 56.39
C MET B 92 46.31 -46.42 57.45
N ASP B 93 46.19 -45.11 57.58
CA ASP B 93 45.23 -44.53 58.50
C ASP B 93 44.28 -43.69 57.62
N ALA B 94 43.05 -44.17 57.49
CA ALA B 94 42.05 -43.50 56.68
C ALA B 94 41.71 -42.16 57.30
N ASN B 95 41.86 -41.10 56.51
CA ASN B 95 41.57 -39.76 56.96
C ASN B 95 40.51 -39.07 56.10
N TYR B 96 40.03 -37.93 56.58
CA TYR B 96 39.04 -37.15 55.86
C TYR B 96 39.72 -36.42 54.68
N VAL B 97 40.90 -35.90 54.92
CA VAL B 97 41.64 -35.15 53.90
C VAL B 97 42.61 -36.01 53.08
N MET B 98 43.61 -36.59 53.74
CA MET B 98 44.59 -37.43 53.07
C MET B 98 45.02 -38.58 53.95
N ASP B 99 44.70 -39.80 53.54
CA ASP B 99 45.08 -41.00 54.29
C ASP B 99 46.55 -40.94 54.64
N GLU B 100 46.91 -41.39 55.84
CA GLU B 100 48.29 -41.36 56.28
C GLU B 100 48.91 -42.76 56.26
N THR B 101 50.14 -42.87 55.76
CA THR B 101 50.81 -44.16 55.77
C THR B 101 51.60 -44.26 57.07
N LEU B 102 51.27 -45.27 57.89
CA LEU B 102 51.92 -45.46 59.19
C LEU B 102 53.10 -46.40 59.15
N GLY B 103 53.19 -47.21 58.10
CA GLY B 103 54.29 -48.14 58.01
C GLY B 103 54.33 -48.85 56.68
N THR B 104 55.54 -49.21 56.26
CA THR B 104 55.71 -49.89 55.01
C THR B 104 56.54 -51.12 55.27
N ALA B 105 56.22 -52.19 54.56
CA ALA B 105 56.96 -53.42 54.75
C ALA B 105 57.02 -54.12 53.41
N THR B 106 57.87 -55.12 53.32
CA THR B 106 58.00 -55.83 52.08
C THR B 106 57.93 -57.33 52.31
N PHE B 107 57.72 -58.07 51.24
CA PHE B 107 57.68 -59.52 51.27
C PHE B 107 58.05 -60.00 49.88
N THR B 108 59.22 -60.61 49.79
CA THR B 108 59.75 -61.10 48.53
C THR B 108 59.27 -62.53 48.32
N VAL B 109 58.37 -62.69 47.35
CA VAL B 109 57.78 -63.98 47.05
C VAL B 109 58.78 -65.12 46.86
N SER B 110 59.87 -64.86 46.14
CA SER B 110 60.86 -65.90 45.92
C SER B 110 61.44 -66.46 47.22
N SER B 111 61.02 -65.95 48.37
CA SER B 111 61.54 -66.46 49.62
C SER B 111 60.74 -67.69 50.05
N MET B 112 59.70 -68.01 49.29
CA MET B 112 58.91 -69.19 49.62
C MET B 112 58.81 -70.11 48.41
N LYS B 113 58.35 -71.33 48.64
CA LYS B 113 58.23 -72.34 47.58
C LYS B 113 56.78 -72.61 47.20
N VAL B 114 56.56 -72.94 45.93
CA VAL B 114 55.23 -73.27 45.45
C VAL B 114 54.78 -74.45 46.30
N GLY B 115 53.49 -74.50 46.63
CA GLY B 115 52.93 -75.55 47.45
C GLY B 115 52.95 -75.17 48.92
N GLU B 116 53.77 -74.16 49.22
CA GLU B 116 53.96 -73.67 50.58
C GLU B 116 52.92 -72.62 51.03
N LYS B 117 52.57 -72.69 52.32
CA LYS B 117 51.63 -71.75 52.94
C LYS B 117 52.14 -71.42 54.34
N LYS B 118 52.18 -70.15 54.70
CA LYS B 118 52.67 -69.78 56.02
C LYS B 118 52.33 -68.36 56.43
N GLU B 119 52.29 -68.14 57.75
CA GLU B 119 52.01 -66.83 58.29
C GLU B 119 53.32 -66.07 58.54
N VAL B 120 53.32 -64.79 58.20
CA VAL B 120 54.51 -63.97 58.38
C VAL B 120 54.17 -62.74 59.20
N PRO B 121 54.94 -62.49 60.26
CA PRO B 121 54.70 -61.33 61.12
C PRO B 121 55.49 -60.13 60.65
N PHE B 122 54.85 -58.96 60.69
CA PHE B 122 55.49 -57.71 60.32
C PHE B 122 55.31 -56.74 61.46
N ILE B 123 56.39 -56.04 61.81
CA ILE B 123 56.32 -55.07 62.89
C ILE B 123 56.56 -53.66 62.38
N PHE B 124 55.60 -52.78 62.61
CA PHE B 124 55.71 -51.40 62.18
C PHE B 124 55.96 -50.49 63.39
N ASN B 125 56.88 -49.54 63.22
CA ASN B 125 57.21 -48.59 64.28
C ASN B 125 57.56 -49.23 65.62
N GLN B 126 58.25 -50.37 65.58
CA GLN B 126 58.67 -51.06 66.80
C GLN B 126 57.58 -51.59 67.75
N VAL B 127 56.34 -51.13 67.60
CA VAL B 127 55.30 -51.58 68.52
C VAL B 127 54.06 -52.27 67.98
N THR B 128 53.60 -51.90 66.79
CA THR B 128 52.41 -52.54 66.24
C THR B 128 52.77 -53.76 65.38
N GLU B 129 52.05 -54.86 65.58
CA GLU B 129 52.32 -56.10 64.84
C GLU B 129 51.21 -56.51 63.88
N MET B 130 51.62 -56.82 62.64
CA MET B 130 50.70 -57.24 61.59
C MET B 130 51.04 -58.66 61.17
N VAL B 131 50.02 -59.48 60.96
CA VAL B 131 50.23 -60.85 60.54
C VAL B 131 49.48 -61.13 59.23
N LEU B 132 50.17 -61.76 58.29
CA LEU B 132 49.59 -62.12 56.99
C LEU B 132 49.93 -63.56 56.64
N GLU B 133 49.04 -64.25 55.92
CA GLU B 133 49.29 -65.63 55.52
C GLU B 133 49.54 -65.63 54.02
N MET B 134 50.68 -66.19 53.62
CA MET B 134 51.04 -66.25 52.21
C MET B 134 50.90 -67.66 51.64
N SER B 135 50.59 -67.75 50.34
CA SER B 135 50.44 -69.03 49.65
C SER B 135 51.00 -68.87 48.24
N LEU B 136 51.60 -69.92 47.72
CA LEU B 136 52.13 -69.84 46.39
C LEU B 136 51.81 -71.16 45.70
N GLU B 137 51.32 -71.08 44.47
CA GLU B 137 50.96 -72.25 43.67
C GLU B 137 51.24 -71.89 42.23
N VAL B 138 51.36 -72.91 41.39
CA VAL B 138 51.63 -72.70 39.97
C VAL B 138 50.31 -72.72 39.21
N CYS B 139 50.25 -71.95 38.13
CA CYS B 139 49.07 -71.93 37.26
C CYS B 139 49.51 -72.66 36.00
N SER B 140 49.04 -73.89 35.82
CA SER B 140 49.42 -74.66 34.64
C SER B 140 48.37 -74.72 33.55
N CYS B 141 47.16 -74.25 33.83
CA CYS B 141 46.07 -74.28 32.86
C CYS B 141 45.43 -72.91 32.68
N PRO B 142 45.87 -72.15 31.66
CA PRO B 142 45.30 -70.82 31.43
C PRO B 142 43.81 -70.83 31.12
N ASP B 143 43.19 -69.64 31.26
CA ASP B 143 41.77 -69.49 30.98
C ASP B 143 41.57 -69.31 29.48
N LEU B 144 42.67 -68.97 28.80
CA LEU B 144 42.72 -68.79 27.36
C LEU B 144 42.94 -70.15 26.70
N ARG B 145 42.27 -70.39 25.58
CA ARG B 145 42.41 -71.64 24.86
C ARG B 145 43.32 -71.43 23.65
N PHE B 146 44.38 -72.23 23.55
CA PHE B 146 45.33 -72.10 22.44
C PHE B 146 45.24 -73.28 21.47
N SER B 147 44.54 -73.05 20.37
CA SER B 147 44.34 -74.08 19.37
C SER B 147 43.66 -73.46 18.14
N MET B 148 43.90 -74.06 16.97
CA MET B 148 43.31 -73.56 15.73
C MET B 148 42.00 -74.30 15.47
N ALA B 149 41.83 -75.42 16.15
CA ALA B 149 40.64 -76.26 16.01
C ALA B 149 39.40 -75.58 16.58
N LEU B 150 38.24 -76.04 16.18
CA LEU B 150 36.98 -75.49 16.70
C LEU B 150 36.85 -76.01 18.13
N CYS B 151 36.30 -75.19 19.03
CA CYS B 151 36.13 -75.62 20.41
C CYS B 151 35.14 -76.78 20.45
N ASP B 152 35.22 -77.60 21.49
CA ASP B 152 34.35 -78.77 21.63
C ASP B 152 32.86 -78.49 21.53
N GLN B 153 32.44 -77.31 22.00
CA GLN B 153 31.03 -76.96 21.94
C GLN B 153 30.57 -76.74 20.50
N GLU B 154 31.41 -76.13 19.67
CA GLU B 154 31.02 -75.94 18.28
C GLU B 154 31.03 -77.29 17.57
N LYS B 155 31.98 -78.15 17.93
CA LYS B 155 32.04 -79.47 17.30
C LYS B 155 30.77 -80.24 17.68
N THR B 156 30.42 -80.22 18.96
CA THR B 156 29.20 -80.91 19.37
C THR B 156 28.02 -80.33 18.60
N PHE B 157 27.99 -79.01 18.45
CA PHE B 157 26.91 -78.36 17.72
C PHE B 157 26.82 -78.86 16.27
N ARG B 158 27.98 -79.01 15.63
CA ARG B 158 28.04 -79.49 14.27
C ARG B 158 27.49 -80.90 14.11
N GLN B 159 27.93 -81.80 14.99
CA GLN B 159 27.45 -83.17 14.93
C GLN B 159 25.93 -83.20 15.14
N GLN B 160 25.45 -82.41 16.08
CA GLN B 160 24.02 -82.38 16.39
C GLN B 160 23.18 -81.75 15.30
N ARG B 161 23.79 -80.94 14.44
CA ARG B 161 23.01 -80.31 13.39
C ARG B 161 23.15 -81.03 12.07
N LYS B 162 24.23 -81.79 11.94
CA LYS B 162 24.52 -82.52 10.71
C LYS B 162 23.32 -83.22 10.12
N GLU B 163 22.78 -84.18 10.88
CA GLU B 163 21.64 -84.92 10.39
C GLU B 163 20.44 -84.03 10.12
N HIS B 164 20.21 -83.05 10.98
CA HIS B 164 19.09 -82.15 10.75
C HIS B 164 19.24 -81.48 9.38
N ILE B 165 20.48 -81.10 9.05
CA ILE B 165 20.77 -80.46 7.77
C ILE B 165 20.46 -81.43 6.62
N ARG B 166 21.01 -82.64 6.73
CA ARG B 166 20.82 -83.65 5.69
C ARG B 166 19.36 -83.83 5.30
N GLU B 167 18.53 -84.19 6.27
CA GLU B 167 17.11 -84.39 6.01
C GLU B 167 16.46 -83.13 5.46
N SER B 168 16.87 -81.98 5.98
CA SER B 168 16.33 -80.69 5.53
C SER B 168 16.69 -80.39 4.07
N MET B 169 17.87 -80.82 3.64
CA MET B 169 18.27 -80.59 2.26
C MET B 169 17.49 -81.54 1.34
N LYS B 170 17.33 -82.79 1.75
CA LYS B 170 16.59 -83.75 0.94
C LYS B 170 15.20 -83.16 0.66
N LYS B 171 14.54 -82.69 1.72
CA LYS B 171 13.21 -82.12 1.58
C LYS B 171 13.22 -80.90 0.67
N LEU B 172 14.28 -80.11 0.76
CA LEU B 172 14.38 -78.91 -0.05
C LEU B 172 14.62 -79.16 -1.54
N LEU B 173 15.50 -80.12 -1.84
CA LEU B 173 15.83 -80.43 -3.23
C LEU B 173 15.06 -81.62 -3.81
N GLY B 174 14.67 -82.55 -2.94
CA GLY B 174 13.93 -83.72 -3.39
C GLY B 174 14.86 -84.75 -4.03
N PRO B 175 14.42 -85.43 -5.09
CA PRO B 175 15.24 -86.44 -5.77
C PRO B 175 16.46 -85.87 -6.52
N LYS B 176 16.59 -84.55 -6.56
CA LYS B 176 17.74 -83.94 -7.22
C LYS B 176 18.94 -83.84 -6.29
N ASN B 177 19.28 -84.96 -5.67
CA ASN B 177 20.42 -85.02 -4.76
C ASN B 177 20.77 -86.49 -4.58
N SER B 178 19.73 -87.32 -4.65
CA SER B 178 19.82 -88.76 -4.52
C SER B 178 21.12 -89.25 -3.89
N GLU B 179 21.78 -90.17 -4.60
CA GLU B 179 23.04 -90.78 -4.17
C GLU B 179 23.85 -89.90 -3.22
N GLY B 180 23.86 -88.60 -3.50
CA GLY B 180 24.60 -87.66 -2.67
C GLY B 180 24.30 -87.73 -1.19
N LEU B 181 23.27 -87.03 -0.77
CA LEU B 181 22.90 -86.98 0.64
C LEU B 181 22.59 -88.34 1.24
N HIS B 182 22.18 -89.30 0.42
CA HIS B 182 21.85 -90.62 0.93
C HIS B 182 23.09 -91.47 1.20
N SER B 183 24.25 -90.95 0.83
CA SER B 183 25.50 -91.67 1.05
C SER B 183 26.51 -90.80 1.77
N ALA B 184 26.70 -89.59 1.25
CA ALA B 184 27.64 -88.62 1.79
C ALA B 184 28.04 -88.83 3.24
N ARG B 185 29.33 -89.08 3.46
CA ARG B 185 29.84 -89.28 4.82
C ARG B 185 29.57 -87.98 5.58
N ASP B 186 29.42 -86.89 4.83
CA ASP B 186 29.11 -85.58 5.40
C ASP B 186 28.29 -84.72 4.43
N VAL B 187 27.67 -83.69 4.97
CA VAL B 187 26.81 -82.79 4.21
C VAL B 187 27.49 -81.45 3.94
N PRO B 188 26.98 -80.67 2.95
CA PRO B 188 27.65 -79.39 2.71
C PRO B 188 27.40 -78.38 3.83
N VAL B 189 28.45 -77.68 4.22
CA VAL B 189 28.35 -76.65 5.25
C VAL B 189 27.91 -75.33 4.62
N VAL B 190 26.71 -74.85 4.94
CA VAL B 190 26.18 -73.59 4.40
C VAL B 190 26.20 -72.45 5.42
N ALA B 191 26.59 -71.25 4.99
CA ALA B 191 26.63 -70.11 5.88
C ALA B 191 25.91 -68.90 5.29
N ILE B 192 25.07 -68.27 6.10
CA ILE B 192 24.33 -67.10 5.66
C ILE B 192 25.11 -65.85 6.11
N LEU B 193 25.42 -64.96 5.18
CA LEU B 193 26.15 -63.74 5.50
C LEU B 193 25.30 -62.48 5.39
N GLY B 194 25.35 -61.66 6.44
CA GLY B 194 24.64 -60.40 6.46
C GLY B 194 25.69 -59.33 6.63
N SER B 195 25.64 -58.29 5.80
CA SER B 195 26.62 -57.21 5.83
C SER B 195 26.26 -56.11 6.82
N GLY B 196 27.12 -55.09 6.86
CA GLY B 196 26.89 -53.94 7.70
C GLY B 196 26.00 -52.98 6.93
N GLY B 197 25.66 -51.85 7.55
CA GLY B 197 24.81 -50.87 6.89
C GLY B 197 23.68 -50.35 7.76
N GLY B 198 23.98 -50.11 9.03
CA GLY B 198 23.00 -49.59 9.97
C GLY B 198 21.64 -50.24 9.89
N PHE B 199 20.60 -49.41 10.07
CA PHE B 199 19.22 -49.88 10.03
C PHE B 199 18.84 -50.39 8.66
N ARG B 200 19.49 -49.86 7.62
CA ARG B 200 19.21 -50.34 6.28
C ARG B 200 19.55 -51.84 6.29
N ALA B 201 20.71 -52.17 6.83
CA ALA B 201 21.17 -53.55 6.90
C ALA B 201 20.31 -54.40 7.82
N MET B 202 19.97 -53.87 8.98
CA MET B 202 19.17 -54.63 9.92
C MET B 202 17.79 -54.97 9.37
N VAL B 203 17.11 -53.98 8.78
CA VAL B 203 15.77 -54.22 8.23
C VAL B 203 15.84 -55.10 6.99
N GLY B 204 16.85 -54.87 6.17
CA GLY B 204 17.01 -55.68 4.99
C GLY B 204 17.18 -57.13 5.39
N PHE B 205 18.07 -57.37 6.34
CA PHE B 205 18.31 -58.73 6.76
C PHE B 205 17.08 -59.39 7.40
N SER B 206 16.27 -58.62 8.12
CA SER B 206 15.07 -59.22 8.73
C SER B 206 14.23 -59.84 7.63
N GLY B 207 14.08 -59.13 6.52
CA GLY B 207 13.31 -59.65 5.40
C GLY B 207 13.93 -60.96 4.94
N VAL B 208 15.20 -60.91 4.56
CA VAL B 208 15.91 -62.09 4.12
C VAL B 208 15.65 -63.29 5.03
N MET B 209 15.85 -63.10 6.32
CA MET B 209 15.67 -64.18 7.28
C MET B 209 14.27 -64.76 7.29
N LYS B 210 13.27 -63.93 7.10
CA LYS B 210 11.90 -64.42 7.08
C LYS B 210 11.77 -65.37 5.89
N ALA B 211 12.41 -65.02 4.77
CA ALA B 211 12.35 -65.87 3.59
C ALA B 211 13.12 -67.18 3.79
N LEU B 212 14.38 -67.11 4.20
CA LEU B 212 15.18 -68.33 4.41
C LEU B 212 14.45 -69.26 5.39
N TYR B 213 13.74 -68.67 6.34
CA TYR B 213 13.01 -69.47 7.31
C TYR B 213 11.90 -70.26 6.60
N GLU B 214 10.90 -69.54 6.10
CA GLU B 214 9.75 -70.14 5.42
C GLU B 214 10.15 -71.19 4.37
N SER B 215 11.01 -70.78 3.43
CA SER B 215 11.47 -71.64 2.36
C SER B 215 12.21 -72.90 2.82
N GLY B 216 12.64 -72.93 4.08
CA GLY B 216 13.36 -74.11 4.56
C GLY B 216 14.88 -74.04 4.39
N ILE B 217 15.38 -72.98 3.76
CA ILE B 217 16.83 -72.82 3.56
C ILE B 217 17.58 -72.72 4.90
N LEU B 218 17.03 -71.95 5.84
CA LEU B 218 17.67 -71.79 7.15
C LEU B 218 17.93 -73.14 7.81
N ASP B 219 17.02 -74.07 7.58
CA ASP B 219 17.17 -75.40 8.16
C ASP B 219 18.35 -76.15 7.55
N CYS B 220 18.87 -75.63 6.45
CA CYS B 220 20.01 -76.25 5.77
C CYS B 220 21.34 -75.61 6.14
N ALA B 221 21.28 -74.43 6.73
CA ALA B 221 22.50 -73.71 7.09
C ALA B 221 23.11 -74.13 8.43
N THR B 222 24.43 -74.06 8.48
CA THR B 222 25.16 -74.37 9.69
C THR B 222 25.40 -73.05 10.44
N TYR B 223 25.70 -72.00 9.68
CA TYR B 223 26.00 -70.70 10.26
C TYR B 223 25.27 -69.47 9.69
N VAL B 224 25.12 -68.46 10.55
CA VAL B 224 24.57 -67.19 10.16
C VAL B 224 25.62 -66.25 10.73
N ALA B 225 26.27 -65.49 9.87
CA ALA B 225 27.33 -64.58 10.28
C ALA B 225 26.97 -63.18 9.88
N GLY B 226 27.22 -62.22 10.76
CA GLY B 226 26.91 -60.86 10.42
C GLY B 226 27.93 -59.91 10.97
N LEU B 227 27.82 -58.66 10.54
CA LEU B 227 28.72 -57.63 11.03
C LEU B 227 27.90 -56.33 11.06
N SER B 228 28.28 -55.41 11.95
CA SER B 228 27.57 -54.13 12.11
C SER B 228 26.03 -54.30 12.12
N GLY B 229 25.33 -53.68 11.16
CA GLY B 229 23.87 -53.75 11.08
C GLY B 229 23.17 -55.11 11.07
N SER B 230 23.74 -56.13 10.43
CA SER B 230 23.09 -57.44 10.42
C SER B 230 23.17 -58.03 11.82
N THR B 231 24.22 -57.63 12.51
CA THR B 231 24.47 -58.04 13.87
C THR B 231 23.32 -57.60 14.79
N TRP B 232 22.84 -56.38 14.60
CA TRP B 232 21.73 -55.87 15.40
C TRP B 232 20.51 -56.73 15.17
N TYR B 233 20.31 -57.19 13.94
CA TYR B 233 19.15 -58.04 13.71
C TYR B 233 19.31 -59.43 14.34
N MET B 234 20.47 -60.04 14.17
CA MET B 234 20.69 -61.36 14.76
C MET B 234 20.47 -61.31 16.27
N SER B 235 21.04 -60.29 16.92
CA SER B 235 20.90 -60.15 18.37
C SER B 235 19.44 -60.12 18.75
N THR B 236 18.68 -59.25 18.09
CA THR B 236 17.26 -59.11 18.37
C THR B 236 16.49 -60.42 18.14
N LEU B 237 16.87 -61.16 17.09
CA LEU B 237 16.21 -62.41 16.77
C LEU B 237 16.58 -63.55 17.72
N TYR B 238 17.87 -63.82 17.81
CA TYR B 238 18.34 -64.90 18.65
C TYR B 238 18.11 -64.71 20.15
N SER B 239 17.82 -63.48 20.59
CA SER B 239 17.61 -63.26 22.01
C SER B 239 16.13 -63.23 22.39
N HIS B 240 15.28 -63.26 21.38
CA HIS B 240 13.84 -63.26 21.62
C HIS B 240 13.47 -64.57 22.28
N PRO B 241 12.71 -64.51 23.39
CA PRO B 241 12.28 -65.71 24.12
C PRO B 241 11.52 -66.76 23.32
N ASP B 242 10.74 -66.33 22.33
CA ASP B 242 9.97 -67.27 21.53
C ASP B 242 10.70 -67.82 20.30
N PHE B 243 12.00 -67.58 20.21
CA PHE B 243 12.78 -68.05 19.08
C PHE B 243 13.45 -69.39 19.43
N PRO B 244 13.50 -70.34 18.48
CA PRO B 244 12.98 -70.31 17.12
C PRO B 244 11.53 -70.77 16.94
N GLU B 245 10.95 -71.39 17.97
CA GLU B 245 9.57 -71.86 17.89
C GLU B 245 8.74 -70.85 17.10
N LYS B 246 8.95 -69.57 17.39
CA LYS B 246 8.27 -68.49 16.70
C LYS B 246 9.32 -67.94 15.73
N GLY B 247 8.98 -67.89 14.46
CA GLY B 247 9.91 -67.41 13.45
C GLY B 247 9.96 -65.90 13.33
N PRO B 248 10.73 -65.39 12.36
CA PRO B 248 10.88 -63.96 12.10
C PRO B 248 9.58 -63.21 11.89
N GLU B 249 8.56 -63.88 11.35
CA GLU B 249 7.29 -63.21 11.09
C GLU B 249 6.83 -62.34 12.25
N GLU B 250 6.65 -62.95 13.42
CA GLU B 250 6.21 -62.22 14.61
C GLU B 250 7.27 -61.21 15.05
N ILE B 251 8.47 -61.71 15.27
CA ILE B 251 9.57 -60.88 15.70
C ILE B 251 9.76 -59.64 14.82
N ASN B 252 9.64 -59.80 13.51
CA ASN B 252 9.82 -58.66 12.60
C ASN B 252 8.71 -57.63 12.73
N GLU B 253 7.51 -58.07 13.10
CA GLU B 253 6.40 -57.12 13.28
C GLU B 253 6.82 -56.23 14.45
N GLU B 254 7.36 -56.86 15.49
CA GLU B 254 7.84 -56.15 16.67
C GLU B 254 8.94 -55.18 16.28
N LEU B 255 9.89 -55.64 15.48
CA LEU B 255 10.99 -54.79 15.06
C LEU B 255 10.42 -53.54 14.39
N MET B 256 9.50 -53.74 13.44
CA MET B 256 8.88 -52.62 12.73
C MET B 256 8.34 -51.54 13.67
N LYS B 257 7.55 -51.95 14.66
CA LYS B 257 7.00 -51.00 15.62
C LYS B 257 8.11 -50.25 16.38
N ASN B 258 9.09 -51.00 16.89
CA ASN B 258 10.20 -50.42 17.65
C ASN B 258 11.03 -49.41 16.87
N VAL B 259 11.03 -49.51 15.55
CA VAL B 259 11.81 -48.60 14.72
C VAL B 259 11.00 -47.45 14.11
N SER B 260 9.69 -47.42 14.36
CA SER B 260 8.83 -46.36 13.83
C SER B 260 9.15 -44.98 14.40
N HIS B 261 9.44 -44.92 15.69
CA HIS B 261 9.76 -43.65 16.34
C HIS B 261 11.24 -43.37 16.11
N ASN B 262 11.66 -42.14 16.38
CA ASN B 262 13.06 -41.76 16.19
C ASN B 262 13.91 -42.03 17.44
N PRO B 263 14.78 -43.06 17.39
CA PRO B 263 15.66 -43.46 18.48
C PRO B 263 16.39 -42.32 19.15
N LEU B 264 16.97 -41.43 18.36
CA LEU B 264 17.71 -40.29 18.88
C LEU B 264 16.87 -39.45 19.84
N LEU B 265 15.56 -39.45 19.63
CA LEU B 265 14.67 -38.70 20.50
C LEU B 265 14.81 -39.22 21.93
N LEU B 266 15.36 -40.42 22.08
CA LEU B 266 15.54 -41.00 23.41
C LEU B 266 16.63 -40.29 24.18
N LEU B 267 17.63 -39.77 23.46
CA LEU B 267 18.72 -39.05 24.08
C LEU B 267 18.21 -37.75 24.70
N THR B 268 17.68 -37.90 25.90
CA THR B 268 17.11 -36.83 26.67
C THR B 268 18.04 -36.65 27.87
N PRO B 269 18.05 -35.46 28.48
CA PRO B 269 18.94 -35.27 29.63
C PRO B 269 18.72 -36.31 30.74
N GLN B 270 17.46 -36.65 31.00
CA GLN B 270 17.17 -37.62 32.02
C GLN B 270 17.63 -39.02 31.61
N LYS B 271 17.44 -39.36 30.34
CA LYS B 271 17.82 -40.67 29.83
C LYS B 271 19.33 -40.83 29.83
N VAL B 272 20.04 -39.83 29.30
CA VAL B 272 21.49 -39.92 29.28
C VAL B 272 22.00 -40.10 30.69
N LYS B 273 21.34 -39.44 31.64
CA LYS B 273 21.74 -39.54 33.03
C LYS B 273 21.53 -40.97 33.55
N ARG B 274 20.40 -41.58 33.23
CA ARG B 274 20.17 -42.95 33.65
C ARG B 274 21.25 -43.83 33.05
N TYR B 275 21.55 -43.61 31.77
CA TYR B 275 22.58 -44.39 31.08
C TYR B 275 23.88 -44.28 31.83
N VAL B 276 24.24 -43.05 32.21
CA VAL B 276 25.48 -42.81 32.93
C VAL B 276 25.47 -43.49 34.30
N GLU B 277 24.35 -43.36 35.02
CA GLU B 277 24.27 -44.01 36.31
C GLU B 277 24.51 -45.51 36.15
N SER B 278 23.78 -46.15 35.23
CA SER B 278 23.91 -47.58 34.99
C SER B 278 25.33 -47.98 34.61
N LEU B 279 25.99 -47.19 33.77
CA LEU B 279 27.33 -47.51 33.35
C LEU B 279 28.38 -47.38 34.44
N TRP B 280 28.08 -46.63 35.51
CA TRP B 280 29.04 -46.49 36.60
C TRP B 280 29.21 -47.83 37.28
N LYS B 281 28.19 -48.65 37.24
CA LYS B 281 28.32 -49.97 37.84
C LYS B 281 29.51 -50.66 37.18
N LYS B 282 29.64 -50.44 35.88
CA LYS B 282 30.72 -51.03 35.11
C LYS B 282 32.05 -50.35 35.35
N LYS B 283 32.05 -49.02 35.37
CA LYS B 283 33.30 -48.30 35.61
C LYS B 283 33.80 -48.58 37.01
N SER B 284 32.88 -48.68 37.95
CA SER B 284 33.23 -48.92 39.33
C SER B 284 33.93 -50.26 39.53
N SER B 285 33.69 -51.21 38.62
CA SER B 285 34.31 -52.53 38.72
C SER B 285 35.73 -52.55 38.20
N GLY B 286 36.10 -51.52 37.44
CA GLY B 286 37.45 -51.46 36.91
C GLY B 286 37.50 -51.61 35.40
N GLN B 287 36.35 -51.88 34.79
CA GLN B 287 36.26 -52.01 33.34
C GLN B 287 36.24 -50.65 32.68
N PRO B 288 36.89 -50.50 31.52
CA PRO B 288 36.91 -49.21 30.81
C PRO B 288 35.52 -48.97 30.22
N VAL B 289 35.10 -47.70 30.21
CA VAL B 289 33.82 -47.32 29.63
C VAL B 289 34.08 -46.25 28.58
N THR B 290 33.44 -46.39 27.42
CA THR B 290 33.61 -45.42 26.35
C THR B 290 32.25 -45.10 25.76
N PHE B 291 32.22 -44.15 24.83
CA PHE B 291 30.95 -43.77 24.24
C PHE B 291 30.22 -44.95 23.58
N THR B 292 30.98 -45.95 23.14
CA THR B 292 30.35 -47.12 22.53
C THR B 292 29.38 -47.78 23.52
N ASP B 293 29.69 -47.71 24.82
CA ASP B 293 28.84 -48.27 25.86
C ASP B 293 27.48 -47.58 25.85
N ILE B 294 27.52 -46.26 25.61
CA ILE B 294 26.31 -45.47 25.57
C ILE B 294 25.52 -45.75 24.30
N PHE B 295 26.23 -45.75 23.17
CA PHE B 295 25.61 -46.04 21.88
C PHE B 295 24.99 -47.43 21.94
N GLY B 296 25.71 -48.37 22.54
CA GLY B 296 25.19 -49.71 22.65
C GLY B 296 23.89 -49.73 23.44
N MET B 297 23.82 -48.96 24.52
CA MET B 297 22.60 -48.91 25.32
C MET B 297 21.46 -48.31 24.53
N LEU B 298 21.78 -47.31 23.72
CA LEU B 298 20.77 -46.65 22.90
C LEU B 298 20.19 -47.67 21.96
N ILE B 299 21.05 -48.48 21.38
CA ILE B 299 20.62 -49.53 20.44
C ILE B 299 19.77 -50.53 21.19
N GLY B 300 20.23 -50.91 22.37
CA GLY B 300 19.50 -51.88 23.17
C GLY B 300 18.11 -51.41 23.52
N GLU B 301 18.00 -50.19 24.03
CA GLU B 301 16.71 -49.69 24.41
C GLU B 301 15.70 -49.67 23.27
N THR B 302 16.14 -49.38 22.05
CA THR B 302 15.19 -49.36 20.94
C THR B 302 14.88 -50.74 20.38
N LEU B 303 15.82 -51.67 20.45
CA LEU B 303 15.62 -53.01 19.90
C LEU B 303 15.27 -54.13 20.86
N ILE B 304 15.82 -54.10 22.07
CA ILE B 304 15.58 -55.14 23.05
C ILE B 304 15.33 -54.56 24.44
N HIS B 305 14.49 -53.53 24.51
CA HIS B 305 14.19 -52.88 25.78
C HIS B 305 13.62 -53.78 26.84
N ASN B 306 12.95 -54.87 26.44
CA ASN B 306 12.36 -55.77 27.43
C ASN B 306 13.25 -56.95 27.80
N ARG B 307 14.54 -56.87 27.45
CA ARG B 307 15.50 -57.91 27.78
C ARG B 307 16.90 -57.32 27.71
N MET B 308 16.96 -56.08 28.19
CA MET B 308 18.15 -55.26 28.25
C MET B 308 19.39 -55.93 28.84
N ASN B 309 19.19 -56.99 29.62
CA ASN B 309 20.32 -57.67 30.25
C ASN B 309 20.70 -59.03 29.65
N THR B 310 20.24 -59.28 28.43
CA THR B 310 20.59 -60.51 27.73
C THR B 310 22.10 -60.49 27.48
N THR B 311 22.75 -61.65 27.51
CA THR B 311 24.18 -61.72 27.26
C THR B 311 24.44 -62.60 26.05
N LEU B 312 25.66 -62.61 25.55
CA LEU B 312 25.99 -63.46 24.41
C LEU B 312 25.94 -64.92 24.89
N SER B 313 26.40 -65.15 26.12
CA SER B 313 26.41 -66.50 26.69
C SER B 313 25.03 -67.11 26.75
N SER B 314 24.03 -66.28 27.06
CA SER B 314 22.66 -66.78 27.16
C SER B 314 22.11 -67.29 25.84
N LEU B 315 22.77 -66.94 24.74
CA LEU B 315 22.32 -67.40 23.44
C LEU B 315 22.50 -68.91 23.29
N LYS B 316 23.29 -69.52 24.18
CA LYS B 316 23.50 -70.97 24.11
C LYS B 316 22.16 -71.72 24.18
N GLU B 317 21.20 -71.14 24.89
CA GLU B 317 19.88 -71.69 25.09
C GLU B 317 19.14 -71.85 23.76
N LYS B 318 19.48 -70.99 22.81
CA LYS B 318 18.82 -71.04 21.51
C LYS B 318 19.54 -72.00 20.58
N VAL B 319 20.60 -72.63 21.08
CA VAL B 319 21.36 -73.51 20.21
C VAL B 319 21.91 -74.79 20.87
N ASN B 320 21.44 -75.10 22.09
CA ASN B 320 21.91 -76.27 22.82
C ASN B 320 21.53 -77.61 22.20
N THR B 321 20.49 -77.65 21.36
CA THR B 321 20.13 -78.88 20.68
C THR B 321 20.27 -78.66 19.18
N ALA B 322 20.98 -77.59 18.82
CA ALA B 322 21.24 -77.22 17.43
C ALA B 322 19.96 -76.96 16.64
N GLN B 323 18.96 -76.39 17.31
CA GLN B 323 17.69 -76.11 16.66
C GLN B 323 17.77 -74.88 15.75
N CYS B 324 18.91 -74.18 15.81
CA CYS B 324 19.12 -72.98 15.00
C CYS B 324 20.52 -73.00 14.44
N PRO B 325 20.79 -72.14 13.45
CA PRO B 325 22.14 -72.09 12.88
C PRO B 325 22.97 -71.36 13.95
N LEU B 326 24.24 -71.69 14.07
CA LEU B 326 25.09 -71.03 15.05
C LEU B 326 25.34 -69.58 14.64
N PRO B 327 25.06 -68.60 15.53
CA PRO B 327 25.31 -67.20 15.15
C PRO B 327 26.77 -66.76 15.37
N LEU B 328 27.32 -66.05 14.38
CA LEU B 328 28.68 -65.56 14.43
C LEU B 328 28.69 -64.05 14.27
N PHE B 329 29.54 -63.36 15.02
CA PHE B 329 29.64 -61.91 14.96
C PHE B 329 31.13 -61.61 14.91
N THR B 330 31.48 -60.39 14.52
CA THR B 330 32.89 -60.03 14.44
C THR B 330 33.08 -58.53 14.64
N CYS B 331 34.31 -58.15 14.88
CA CYS B 331 34.72 -56.75 15.04
C CYS B 331 36.23 -56.82 14.81
N LEU B 332 36.90 -55.67 14.78
CA LEU B 332 38.33 -55.69 14.56
C LEU B 332 39.06 -55.35 15.82
N HIS B 333 40.28 -55.87 15.93
CA HIS B 333 41.14 -55.55 17.04
C HIS B 333 42.10 -54.62 16.33
N VAL B 334 42.23 -53.39 16.81
CA VAL B 334 43.12 -52.43 16.16
C VAL B 334 44.34 -52.05 16.99
N LYS B 335 45.52 -52.46 16.51
CA LYS B 335 46.76 -52.16 17.19
C LYS B 335 47.05 -50.69 16.84
N PRO B 336 47.31 -49.84 17.84
CA PRO B 336 47.58 -48.43 17.55
C PRO B 336 48.72 -48.24 16.55
N ASP B 337 49.60 -49.23 16.45
CA ASP B 337 50.73 -49.18 15.53
C ASP B 337 50.27 -49.21 14.06
N VAL B 338 49.46 -50.20 13.69
CA VAL B 338 48.98 -50.33 12.32
C VAL B 338 48.33 -49.06 11.73
N SER B 339 48.49 -48.87 10.41
CA SER B 339 47.93 -47.71 9.71
C SER B 339 46.82 -48.10 8.75
N GLU B 340 46.97 -49.26 8.12
CA GLU B 340 45.97 -49.75 7.17
C GLU B 340 45.11 -50.78 7.88
N LEU B 341 43.84 -50.47 8.11
CA LEU B 341 42.96 -51.39 8.81
C LEU B 341 42.75 -52.71 8.08
N MET B 342 43.23 -52.79 6.85
CA MET B 342 43.09 -54.02 6.06
C MET B 342 44.05 -55.04 6.65
N PHE B 343 44.87 -54.58 7.58
CA PHE B 343 45.84 -55.44 8.25
C PHE B 343 45.39 -55.77 9.65
N ALA B 344 44.34 -55.11 10.12
CA ALA B 344 43.82 -55.37 11.47
C ALA B 344 43.35 -56.82 11.61
N ASP B 345 43.35 -57.32 12.84
CA ASP B 345 42.91 -58.70 13.11
C ASP B 345 41.43 -58.74 13.39
N TRP B 346 40.77 -59.77 12.88
CA TRP B 346 39.35 -59.91 13.09
C TRP B 346 39.06 -60.72 14.34
N VAL B 347 38.14 -60.22 15.16
CA VAL B 347 37.76 -60.91 16.37
C VAL B 347 36.46 -61.61 16.02
N GLU B 348 36.37 -62.86 16.45
CA GLU B 348 35.21 -63.70 16.18
C GLU B 348 34.39 -63.89 17.46
N PHE B 349 33.08 -63.82 17.34
CA PHE B 349 32.16 -63.96 18.47
C PHE B 349 31.09 -64.99 18.18
N SER B 350 30.87 -65.92 19.11
CA SER B 350 29.80 -66.90 18.96
C SER B 350 29.26 -67.12 20.36
N PRO B 351 28.16 -67.87 20.49
CA PRO B 351 27.62 -68.08 21.85
C PRO B 351 28.55 -68.95 22.71
N TYR B 352 29.59 -69.52 22.10
CA TYR B 352 30.52 -70.37 22.83
C TYR B 352 31.90 -69.77 23.08
N GLU B 353 32.40 -68.96 22.15
CA GLU B 353 33.74 -68.35 22.31
C GLU B 353 33.95 -67.04 21.58
N ILE B 354 34.98 -66.32 22.03
CA ILE B 354 35.37 -65.06 21.46
C ILE B 354 36.87 -65.21 21.27
N GLY B 355 37.38 -64.77 20.13
CA GLY B 355 38.81 -64.89 19.91
C GLY B 355 39.27 -64.57 18.51
N MET B 356 40.57 -64.74 18.31
CA MET B 356 41.19 -64.46 17.03
C MET B 356 41.73 -65.72 16.41
N ALA B 357 40.98 -66.24 15.45
CA ALA B 357 41.34 -67.46 14.73
C ALA B 357 42.75 -67.38 14.15
N LYS B 358 43.16 -66.20 13.73
CA LYS B 358 44.48 -66.04 13.13
C LYS B 358 45.54 -66.61 14.06
N TYR B 359 45.38 -66.33 15.35
CA TYR B 359 46.33 -66.77 16.38
C TYR B 359 45.84 -67.92 17.26
N GLY B 360 44.73 -68.55 16.88
CA GLY B 360 44.22 -69.67 17.66
C GLY B 360 44.08 -69.39 19.15
N THR B 361 43.68 -68.17 19.51
CA THR B 361 43.52 -67.81 20.92
C THR B 361 42.07 -67.45 21.23
N PHE B 362 41.42 -68.28 22.05
CA PHE B 362 40.02 -68.07 22.38
C PHE B 362 39.71 -68.10 23.86
N MET B 363 38.52 -67.63 24.23
CA MET B 363 38.07 -67.59 25.61
C MET B 363 36.56 -67.74 25.62
N ALA B 364 35.98 -68.01 26.78
CA ALA B 364 34.54 -68.15 26.88
C ALA B 364 33.96 -66.73 26.81
N PRO B 365 32.71 -66.58 26.34
CA PRO B 365 32.11 -65.25 26.25
C PRO B 365 32.09 -64.45 27.55
N ASP B 366 31.90 -65.14 28.67
CA ASP B 366 31.84 -64.45 29.95
C ASP B 366 33.13 -63.78 30.40
N LEU B 367 34.25 -64.12 29.78
CA LEU B 367 35.53 -63.50 30.13
C LEU B 367 35.86 -62.28 29.29
N PHE B 368 35.10 -62.03 28.24
CA PHE B 368 35.37 -60.88 27.39
C PHE B 368 35.19 -59.60 28.17
N GLY B 369 36.30 -59.02 28.59
CA GLY B 369 36.25 -57.78 29.35
C GLY B 369 36.97 -57.93 30.68
N SER B 370 37.11 -59.18 31.13
CA SER B 370 37.80 -59.48 32.39
C SER B 370 39.28 -59.16 32.23
N LYS B 371 39.99 -59.03 33.36
CA LYS B 371 41.43 -58.73 33.30
C LYS B 371 42.25 -60.02 33.20
N PHE B 372 43.30 -59.99 32.39
CA PHE B 372 44.14 -61.16 32.15
C PHE B 372 45.61 -60.85 32.32
N PHE B 373 46.38 -61.91 32.60
CA PHE B 373 47.83 -61.82 32.69
C PHE B 373 48.34 -63.25 32.46
N MET B 374 49.16 -63.39 31.42
CA MET B 374 49.72 -64.68 31.05
C MET B 374 48.64 -65.74 30.80
N GLY B 375 47.57 -65.34 30.14
CA GLY B 375 46.51 -66.27 29.81
C GLY B 375 45.60 -66.67 30.94
N THR B 376 45.75 -66.03 32.09
CA THR B 376 44.94 -66.35 33.25
C THR B 376 44.15 -65.11 33.66
N VAL B 377 42.92 -65.29 34.16
CA VAL B 377 42.15 -64.13 34.59
C VAL B 377 42.65 -63.71 35.99
N VAL B 378 42.81 -62.39 36.19
CA VAL B 378 43.24 -61.87 37.48
C VAL B 378 42.05 -61.16 38.12
N LYS B 379 41.04 -60.89 37.30
CA LYS B 379 39.82 -60.24 37.77
C LYS B 379 38.69 -60.53 36.76
N LYS B 380 37.65 -61.22 37.22
CA LYS B 380 36.54 -61.56 36.36
C LYS B 380 35.36 -60.66 36.71
N TYR B 381 34.76 -60.04 35.70
CA TYR B 381 33.62 -59.16 35.94
C TYR B 381 32.33 -59.78 35.43
N GLU B 382 31.21 -59.17 35.81
CA GLU B 382 29.92 -59.66 35.35
C GLU B 382 29.99 -59.57 33.83
N GLU B 383 29.46 -60.56 33.12
CA GLU B 383 29.52 -60.52 31.67
C GLU B 383 28.89 -59.25 31.12
N ASN B 384 29.52 -58.68 30.10
CA ASN B 384 29.00 -57.49 29.45
C ASN B 384 27.68 -57.91 28.82
N PRO B 385 26.68 -57.02 28.83
CA PRO B 385 25.40 -57.41 28.22
C PRO B 385 25.54 -57.38 26.70
N LEU B 386 24.62 -58.05 26.03
CA LEU B 386 24.63 -58.11 24.59
C LEU B 386 24.60 -56.71 23.97
N HIS B 387 23.88 -55.77 24.57
CA HIS B 387 23.81 -54.43 23.97
C HIS B 387 25.16 -53.73 23.90
N PHE B 388 26.08 -54.09 24.79
CA PHE B 388 27.40 -53.47 24.71
C PHE B 388 28.11 -54.00 23.46
N LEU B 389 27.99 -55.31 23.22
CA LEU B 389 28.62 -55.88 22.04
C LEU B 389 27.98 -55.28 20.77
N MET B 390 26.65 -55.13 20.78
CA MET B 390 25.93 -54.55 19.65
C MET B 390 26.54 -53.17 19.39
N GLY B 391 26.87 -52.48 20.47
CA GLY B 391 27.47 -51.17 20.33
C GLY B 391 28.84 -51.34 19.73
N VAL B 392 29.57 -52.38 20.16
CA VAL B 392 30.91 -52.59 19.62
C VAL B 392 30.85 -53.00 18.15
N TRP B 393 30.03 -53.99 17.82
CA TRP B 393 29.92 -54.44 16.42
C TRP B 393 29.52 -53.29 15.47
N GLY B 394 28.82 -52.29 15.97
CA GLY B 394 28.45 -51.19 15.10
C GLY B 394 29.04 -49.88 15.56
N SER B 395 30.24 -49.93 16.12
CA SER B 395 30.90 -48.76 16.66
C SER B 395 31.30 -47.68 15.65
N ALA B 396 31.06 -47.92 14.37
CA ALA B 396 31.37 -46.89 13.37
C ALA B 396 30.42 -45.73 13.70
N PHE B 397 29.22 -46.08 14.15
CA PHE B 397 28.23 -45.07 14.51
C PHE B 397 28.57 -44.28 15.76
N SER B 398 29.39 -44.84 16.66
CA SER B 398 29.74 -44.09 17.86
C SER B 398 30.90 -43.16 17.52
N ILE B 399 31.73 -43.58 16.58
CA ILE B 399 32.86 -42.74 16.18
C ILE B 399 32.32 -41.48 15.48
N LEU B 400 31.34 -41.67 14.60
CA LEU B 400 30.74 -40.56 13.88
C LEU B 400 29.38 -40.19 14.44
N PHE B 401 29.21 -40.28 15.76
CA PHE B 401 27.91 -39.95 16.33
C PHE B 401 27.58 -38.48 16.15
N ASN B 402 28.62 -37.66 16.05
CA ASN B 402 28.46 -36.22 15.84
C ASN B 402 27.59 -36.04 14.60
N ARG B 403 27.94 -36.76 13.54
CA ARG B 403 27.21 -36.69 12.29
C ARG B 403 25.83 -37.31 12.42
N VAL B 404 25.75 -38.46 13.08
CA VAL B 404 24.46 -39.13 13.23
C VAL B 404 23.36 -38.18 13.74
N LEU B 405 23.74 -37.22 14.57
CA LEU B 405 22.78 -36.27 15.12
C LEU B 405 22.38 -35.18 14.12
N GLY B 406 21.48 -35.52 13.20
CA GLY B 406 21.03 -34.57 12.19
C GLY B 406 22.13 -34.26 11.19
N SER B 415 26.76 -35.34 3.19
CA SER B 415 27.81 -36.35 3.14
C SER B 415 27.34 -37.64 3.80
N THR B 416 27.52 -38.75 3.11
CA THR B 416 27.11 -40.05 3.61
C THR B 416 28.09 -40.63 4.61
N MET B 417 27.61 -41.64 5.32
CA MET B 417 28.40 -42.38 6.30
C MET B 417 29.63 -42.91 5.55
N GLU B 418 29.36 -43.51 4.39
CA GLU B 418 30.40 -44.07 3.56
C GLU B 418 31.45 -43.03 3.20
N GLU B 419 31.00 -41.87 2.76
CA GLU B 419 31.92 -40.80 2.38
C GLU B 419 32.82 -40.40 3.53
N GLU B 420 32.23 -40.07 4.67
CA GLU B 420 33.00 -39.66 5.83
C GLU B 420 33.83 -40.80 6.40
N LEU B 421 33.46 -42.02 6.02
CA LEU B 421 34.16 -43.22 6.47
C LEU B 421 35.28 -43.57 5.50
N GLU B 422 35.10 -43.17 4.24
CA GLU B 422 36.07 -43.43 3.18
C GLU B 422 37.49 -43.14 3.64
N ASN B 423 37.75 -41.88 3.97
CA ASN B 423 39.08 -41.51 4.44
C ASN B 423 39.03 -41.15 5.92
N ILE B 424 39.14 -42.17 6.77
CA ILE B 424 39.11 -41.96 8.22
C ILE B 424 40.44 -42.36 8.85
N THR B 425 40.95 -41.49 9.73
CA THR B 425 42.22 -41.73 10.40
C THR B 425 42.21 -43.00 11.27
N THR B 426 43.28 -43.76 11.21
CA THR B 426 43.39 -44.95 12.04
C THR B 426 43.67 -44.37 13.43
N LYS B 427 44.02 -43.08 13.43
CA LYS B 427 44.30 -42.34 14.65
C LYS B 427 43.01 -41.69 15.14
N HIS B 428 42.06 -41.52 14.22
CA HIS B 428 40.78 -40.89 14.57
C HIS B 428 39.90 -41.82 15.39
N ILE B 429 40.05 -43.13 15.20
CA ILE B 429 39.25 -44.09 15.94
C ILE B 429 39.90 -44.38 17.29
N VAL B 430 41.19 -44.04 17.38
CA VAL B 430 41.95 -44.24 18.61
C VAL B 430 42.37 -42.89 19.19
N SER B 463 24.53 -31.84 17.14
CA SER B 463 25.80 -31.13 17.05
C SER B 463 26.11 -30.42 18.36
N TRP B 464 25.37 -29.37 18.70
CA TRP B 464 25.65 -28.71 19.98
C TRP B 464 25.04 -29.57 21.10
N ILE B 465 24.05 -30.38 20.72
CA ILE B 465 23.41 -31.28 21.67
C ILE B 465 24.42 -32.39 21.98
N HIS B 466 25.14 -32.82 20.95
CA HIS B 466 26.16 -33.84 21.11
C HIS B 466 27.18 -33.34 22.13
N ARG B 467 27.46 -32.04 22.10
CA ARG B 467 28.40 -31.42 23.03
C ARG B 467 27.81 -31.42 24.44
N MET B 468 26.50 -31.19 24.54
CA MET B 468 25.82 -31.20 25.84
C MET B 468 25.93 -32.62 26.41
N ILE B 469 25.73 -33.61 25.55
CA ILE B 469 25.83 -35.00 25.97
C ILE B 469 27.24 -35.31 26.47
N MET B 470 28.25 -34.94 25.69
CA MET B 470 29.63 -35.19 26.11
C MET B 470 29.89 -34.50 27.44
N ALA B 471 29.43 -33.25 27.56
CA ALA B 471 29.63 -32.51 28.80
C ALA B 471 29.00 -33.25 29.97
N LEU B 472 27.72 -33.58 29.85
CA LEU B 472 27.01 -34.30 30.92
C LEU B 472 27.82 -35.53 31.30
N VAL B 473 28.37 -36.21 30.30
CA VAL B 473 29.17 -37.40 30.54
C VAL B 473 30.49 -37.06 31.23
N SER B 474 31.18 -36.02 30.77
CA SER B 474 32.45 -35.64 31.37
C SER B 474 32.30 -35.25 32.83
N ASP B 475 31.22 -34.54 33.14
CA ASP B 475 30.98 -34.11 34.51
C ASP B 475 30.70 -35.30 35.40
N SER B 476 30.06 -36.33 34.87
CA SER B 476 29.77 -37.54 35.64
C SER B 476 31.02 -38.37 35.87
N ALA B 477 32.10 -37.97 35.21
CA ALA B 477 33.38 -38.64 35.32
C ALA B 477 33.47 -40.02 34.66
N LEU B 478 32.39 -40.47 34.02
CA LEU B 478 32.36 -41.77 33.34
C LEU B 478 33.59 -41.94 32.48
N PHE B 479 33.86 -40.97 31.62
CA PHE B 479 35.04 -41.06 30.77
C PHE B 479 35.41 -39.73 30.14
N ASN B 480 36.70 -39.58 29.89
CA ASN B 480 37.23 -38.37 29.29
C ASN B 480 36.49 -38.06 27.99
N THR B 481 36.27 -36.78 27.73
CA THR B 481 35.59 -36.37 26.52
C THR B 481 36.53 -36.45 25.31
N ARG B 482 37.79 -36.82 25.55
CA ARG B 482 38.76 -36.91 24.47
C ARG B 482 39.25 -38.32 24.11
N GLU B 483 38.79 -39.35 24.82
CA GLU B 483 39.26 -40.69 24.45
C GLU B 483 38.36 -41.31 23.38
N GLY B 484 38.97 -42.16 22.56
CA GLY B 484 38.25 -42.80 21.47
C GLY B 484 36.85 -43.26 21.82
N ARG B 485 35.93 -43.08 20.88
CA ARG B 485 34.55 -43.50 21.12
C ARG B 485 34.28 -44.92 20.66
N ALA B 486 35.32 -45.62 20.23
CA ALA B 486 35.15 -47.00 19.81
C ALA B 486 35.23 -47.89 21.05
N GLY B 487 35.13 -49.20 20.84
CA GLY B 487 35.21 -50.10 21.97
C GLY B 487 36.63 -50.21 22.48
N LYS B 488 36.74 -50.43 23.79
CA LYS B 488 38.02 -50.59 24.44
C LYS B 488 37.78 -51.55 25.59
N VAL B 489 38.64 -52.54 25.72
CA VAL B 489 38.47 -53.53 26.76
C VAL B 489 39.85 -53.99 27.24
N HIS B 490 39.90 -54.64 28.41
CA HIS B 490 41.15 -55.15 28.94
C HIS B 490 41.80 -56.08 27.91
N ASN B 491 43.11 -55.95 27.72
CA ASN B 491 43.79 -56.81 26.76
C ASN B 491 43.96 -58.22 27.31
N PHE B 492 43.20 -59.16 26.76
CA PHE B 492 43.25 -60.55 27.21
C PHE B 492 44.51 -61.29 26.78
N MET B 493 45.39 -60.61 26.04
CA MET B 493 46.64 -61.20 25.56
C MET B 493 47.81 -60.68 26.39
N LEU B 494 47.52 -59.86 27.38
CA LEU B 494 48.54 -59.25 28.24
C LEU B 494 49.54 -60.22 28.85
N GLY B 495 50.83 -59.99 28.57
CA GLY B 495 51.87 -60.82 29.14
C GLY B 495 52.10 -62.20 28.57
N LEU B 496 51.50 -62.51 27.43
CA LEU B 496 51.71 -63.80 26.80
C LEU B 496 53.11 -63.73 26.16
N ASN B 497 53.83 -64.84 26.17
CA ASN B 497 55.18 -64.89 25.60
C ASN B 497 55.21 -64.55 24.10
N ASP B 539 50.41 -56.03 20.96
CA ASP B 539 49.29 -56.88 21.29
C ASP B 539 49.55 -57.64 22.58
N VAL B 540 50.81 -57.70 22.99
CA VAL B 540 51.16 -58.41 24.21
C VAL B 540 51.60 -57.45 25.32
N LYS B 541 51.96 -56.24 24.95
CA LYS B 541 52.39 -55.23 25.93
C LYS B 541 51.20 -54.42 26.47
N SER B 542 50.58 -53.63 25.61
CA SER B 542 49.44 -52.78 25.98
C SER B 542 48.43 -53.38 26.95
N LYS B 543 47.95 -52.57 27.90
CA LYS B 543 47.00 -53.06 28.91
C LYS B 543 45.55 -53.09 28.44
N LYS B 544 45.25 -52.31 27.42
CA LYS B 544 43.90 -52.30 26.90
C LYS B 544 43.96 -52.36 25.40
N ILE B 545 42.91 -52.90 24.79
CA ILE B 545 42.87 -53.01 23.35
C ILE B 545 41.65 -52.33 22.77
N HIS B 546 41.78 -51.90 21.52
CA HIS B 546 40.71 -51.22 20.82
C HIS B 546 40.00 -52.17 19.88
N VAL B 547 38.69 -52.30 20.06
CA VAL B 547 37.88 -53.16 19.20
C VAL B 547 36.87 -52.29 18.48
N VAL B 548 36.93 -52.31 17.16
CA VAL B 548 36.04 -51.48 16.36
C VAL B 548 35.26 -52.23 15.29
N ASP B 549 34.33 -51.51 14.70
CA ASP B 549 33.42 -51.96 13.66
C ASP B 549 34.21 -52.55 12.49
N SER B 550 33.96 -53.81 12.18
CA SER B 550 34.66 -54.43 11.06
C SER B 550 34.34 -53.67 9.77
N GLY B 551 33.23 -52.94 9.78
CA GLY B 551 32.82 -52.17 8.62
C GLY B 551 33.89 -51.18 8.16
N LEU B 552 34.80 -50.79 9.05
CA LEU B 552 35.86 -49.88 8.69
C LEU B 552 36.83 -50.43 7.64
N THR B 553 36.81 -51.74 7.40
CA THR B 553 37.70 -52.37 6.38
C THR B 553 36.86 -52.75 5.15
N PHE B 554 35.89 -53.63 5.35
CA PHE B 554 34.97 -54.03 4.31
C PHE B 554 33.70 -54.57 4.97
N ASN B 555 32.57 -54.33 4.32
CA ASN B 555 31.26 -54.66 4.87
C ASN B 555 30.77 -56.10 4.94
N LEU B 556 31.52 -57.06 4.42
CA LEU B 556 31.07 -58.45 4.43
C LEU B 556 31.97 -59.30 5.32
N PRO B 557 31.38 -59.96 6.34
CA PRO B 557 32.05 -60.81 7.32
C PRO B 557 32.69 -62.12 6.86
N TYR B 558 33.30 -62.14 5.68
CA TYR B 558 33.92 -63.36 5.18
C TYR B 558 34.88 -64.04 6.14
N PRO B 559 35.76 -63.28 6.80
CA PRO B 559 36.73 -63.84 7.75
C PRO B 559 36.15 -64.85 8.73
N LEU B 560 34.95 -64.59 9.25
CA LEU B 560 34.30 -65.48 10.20
C LEU B 560 33.98 -66.85 9.62
N ILE B 561 33.77 -66.88 8.32
CA ILE B 561 33.35 -68.09 7.63
C ILE B 561 34.39 -68.67 6.68
N LEU B 562 35.54 -68.02 6.57
CA LEU B 562 36.60 -68.48 5.68
C LEU B 562 37.62 -69.24 6.51
N ARG B 563 37.43 -69.19 7.83
CA ARG B 563 38.31 -69.90 8.77
C ARG B 563 38.29 -71.35 8.34
N PRO B 564 39.42 -71.84 7.80
CA PRO B 564 39.52 -73.23 7.34
C PRO B 564 38.81 -74.30 8.16
N GLN B 565 39.00 -74.29 9.48
CA GLN B 565 38.38 -75.30 10.34
C GLN B 565 36.87 -75.39 10.23
N ARG B 566 36.21 -74.37 9.67
CA ARG B 566 34.75 -74.48 9.53
C ARG B 566 34.39 -75.17 8.22
N GLY B 567 35.38 -75.45 7.39
CA GLY B 567 35.13 -76.10 6.12
C GLY B 567 33.78 -75.73 5.50
N VAL B 568 33.53 -74.45 5.33
CA VAL B 568 32.25 -74.07 4.74
C VAL B 568 32.39 -73.98 3.23
N ASP B 569 31.57 -74.74 2.51
CA ASP B 569 31.62 -74.78 1.06
C ASP B 569 30.58 -73.99 0.26
N LEU B 570 29.53 -73.52 0.93
CA LEU B 570 28.51 -72.71 0.27
C LEU B 570 28.17 -71.49 1.13
N ILE B 571 28.45 -70.32 0.59
CA ILE B 571 28.23 -69.04 1.27
C ILE B 571 27.14 -68.22 0.55
N ILE B 572 25.99 -68.00 1.21
CA ILE B 572 24.92 -67.21 0.63
C ILE B 572 25.01 -65.83 1.30
N SER B 573 25.58 -64.83 0.64
CA SER B 573 25.69 -63.53 1.30
C SER B 573 24.69 -62.46 0.83
N PHE B 574 24.24 -61.63 1.77
CA PHE B 574 23.30 -60.56 1.47
C PHE B 574 23.97 -59.22 1.74
N ASP B 575 24.41 -58.57 0.68
CA ASP B 575 25.10 -57.29 0.78
C ASP B 575 24.11 -56.14 0.81
N PHE B 576 24.19 -55.33 1.85
CA PHE B 576 23.30 -54.19 1.99
C PHE B 576 24.12 -52.91 1.93
N SER B 577 25.34 -53.02 1.43
CA SER B 577 26.21 -51.86 1.31
C SER B 577 25.56 -50.78 0.46
N ALA B 578 25.90 -49.51 0.75
CA ALA B 578 25.38 -48.38 0.01
C ALA B 578 26.15 -48.25 -1.30
N ARG B 579 25.46 -47.77 -2.33
CA ARG B 579 26.01 -47.57 -3.67
C ARG B 579 25.72 -46.13 -4.08
N PRO B 580 26.50 -45.58 -5.02
CA PRO B 580 26.27 -44.19 -5.46
C PRO B 580 24.84 -44.07 -5.99
N SER B 581 24.45 -45.06 -6.81
CA SER B 581 23.12 -45.09 -7.40
C SER B 581 22.62 -46.52 -7.57
N ASP B 582 21.31 -46.66 -7.75
CA ASP B 582 20.68 -47.96 -7.92
C ASP B 582 21.26 -48.83 -9.04
N SER B 583 21.96 -48.25 -9.99
CA SER B 583 22.53 -49.05 -11.06
C SER B 583 23.97 -49.48 -10.78
N SER B 584 24.88 -48.49 -10.80
CA SER B 584 26.31 -48.66 -10.55
C SER B 584 26.82 -50.01 -10.03
N PRO B 585 28.05 -50.40 -10.42
CA PRO B 585 28.66 -51.67 -10.01
C PRO B 585 28.45 -51.95 -8.52
N PRO B 586 27.91 -53.13 -8.18
CA PRO B 586 27.65 -53.53 -6.80
C PRO B 586 28.63 -54.52 -6.18
N PHE B 587 29.86 -54.60 -6.67
CA PHE B 587 30.81 -55.57 -6.11
C PHE B 587 32.01 -54.95 -5.41
N LYS B 588 31.97 -53.67 -5.11
CA LYS B 588 33.09 -53.02 -4.44
C LYS B 588 33.54 -53.77 -3.18
N GLU B 589 32.59 -54.06 -2.29
CA GLU B 589 32.88 -54.75 -1.03
C GLU B 589 33.30 -56.20 -1.22
N LEU B 590 32.66 -56.88 -2.17
CA LEU B 590 32.99 -58.28 -2.43
C LEU B 590 34.44 -58.39 -2.86
N LEU B 591 34.90 -57.40 -3.63
CA LEU B 591 36.29 -57.38 -4.12
C LEU B 591 37.30 -57.12 -3.02
N LEU B 592 36.91 -56.36 -2.02
CA LEU B 592 37.81 -56.09 -0.92
C LEU B 592 37.97 -57.37 -0.10
N ALA B 593 36.88 -58.11 0.08
CA ALA B 593 36.93 -59.35 0.84
C ALA B 593 37.80 -60.34 0.08
N GLU B 594 37.71 -60.32 -1.25
CA GLU B 594 38.52 -61.23 -2.06
C GLU B 594 40.02 -60.86 -1.96
N LYS B 595 40.32 -59.57 -1.90
CA LYS B 595 41.72 -59.14 -1.77
C LYS B 595 42.24 -59.70 -0.45
N TRP B 596 41.45 -59.50 0.59
CA TRP B 596 41.78 -59.96 1.93
C TRP B 596 42.00 -61.46 1.95
N ALA B 597 41.15 -62.21 1.26
CA ALA B 597 41.30 -63.66 1.24
C ALA B 597 42.61 -64.08 0.55
N LYS B 598 43.04 -63.34 -0.48
CA LYS B 598 44.28 -63.71 -1.14
C LYS B 598 45.41 -63.34 -0.17
N MET B 599 45.25 -62.19 0.45
CA MET B 599 46.21 -61.67 1.41
C MET B 599 46.50 -62.68 2.53
N ASN B 600 45.45 -63.31 3.07
CA ASN B 600 45.63 -64.30 4.13
C ASN B 600 45.69 -65.73 3.59
N LYS B 601 45.85 -65.85 2.28
CA LYS B 601 45.95 -67.16 1.64
C LYS B 601 44.75 -68.10 1.87
N LEU B 602 43.54 -67.55 1.94
CA LEU B 602 42.35 -68.39 2.13
C LEU B 602 41.63 -68.50 0.80
N PRO B 603 41.09 -69.70 0.49
CA PRO B 603 40.36 -69.95 -0.76
C PRO B 603 39.21 -68.98 -0.96
N PHE B 604 39.06 -68.50 -2.19
CA PHE B 604 38.00 -67.57 -2.54
C PHE B 604 37.75 -67.71 -4.04
N PRO B 605 36.49 -67.89 -4.44
CA PRO B 605 36.21 -68.03 -5.89
C PRO B 605 36.59 -66.75 -6.64
N LYS B 606 37.11 -66.90 -7.86
CA LYS B 606 37.48 -65.72 -8.65
C LYS B 606 36.24 -64.85 -8.82
N ILE B 607 36.39 -63.56 -8.53
CA ILE B 607 35.27 -62.64 -8.65
C ILE B 607 35.47 -61.82 -9.92
N ASP B 608 34.58 -62.03 -10.89
CA ASP B 608 34.63 -61.31 -12.16
C ASP B 608 33.62 -60.18 -12.17
N PRO B 609 34.07 -58.94 -11.89
CA PRO B 609 33.20 -57.76 -11.86
C PRO B 609 32.43 -57.52 -13.16
N TYR B 610 33.01 -57.92 -14.28
CA TYR B 610 32.38 -57.74 -15.58
C TYR B 610 31.02 -58.42 -15.69
N VAL B 611 30.70 -59.28 -14.74
CA VAL B 611 29.41 -59.96 -14.76
C VAL B 611 28.31 -58.91 -14.65
N PHE B 612 28.69 -57.73 -14.18
CA PHE B 612 27.73 -56.63 -14.03
C PHE B 612 27.46 -56.07 -15.43
N ASP B 613 28.51 -55.69 -16.11
CA ASP B 613 28.38 -55.18 -17.47
C ASP B 613 27.59 -56.19 -18.31
N ARG B 614 27.93 -57.46 -18.18
CA ARG B 614 27.25 -58.51 -18.94
C ARG B 614 25.81 -58.79 -18.58
N GLU B 615 25.46 -58.77 -17.30
CA GLU B 615 24.08 -59.07 -16.90
C GLU B 615 23.32 -57.91 -16.28
N GLY B 616 24.00 -56.81 -16.00
CA GLY B 616 23.35 -55.67 -15.38
C GLY B 616 23.05 -55.96 -13.91
N LEU B 617 22.44 -55.00 -13.21
CA LEU B 617 22.11 -55.19 -11.81
C LEU B 617 21.11 -56.33 -11.72
N LYS B 618 21.45 -57.37 -10.97
CA LYS B 618 20.55 -58.50 -10.81
C LYS B 618 20.30 -58.70 -9.32
N GLU B 619 19.24 -59.42 -8.97
CA GLU B 619 18.88 -59.66 -7.58
C GLU B 619 20.00 -60.43 -6.85
N CYS B 620 20.60 -61.41 -7.53
CA CYS B 620 21.70 -62.17 -6.95
C CYS B 620 22.63 -62.68 -8.06
N TYR B 621 23.88 -63.00 -7.69
CA TYR B 621 24.86 -63.51 -8.65
C TYR B 621 25.56 -64.71 -8.05
N VAL B 622 26.13 -65.55 -8.91
CA VAL B 622 26.84 -66.73 -8.45
C VAL B 622 28.29 -66.79 -8.92
N PHE B 623 29.19 -67.12 -8.01
CA PHE B 623 30.60 -67.24 -8.34
C PHE B 623 31.08 -68.61 -7.89
N LYS B 624 31.30 -69.48 -8.86
CA LYS B 624 31.74 -70.83 -8.57
C LYS B 624 33.26 -70.93 -8.55
N PRO B 625 33.79 -72.01 -7.96
CA PRO B 625 35.25 -72.21 -7.88
C PRO B 625 35.79 -72.47 -9.28
N ASP B 633 38.38 -77.35 -0.79
CA ASP B 633 39.07 -76.07 -0.81
C ASP B 633 38.15 -74.86 -1.06
N CYS B 634 38.08 -74.39 -2.30
CA CYS B 634 37.29 -73.19 -2.62
C CYS B 634 35.76 -73.28 -2.57
N PRO B 635 35.13 -72.34 -1.83
CA PRO B 635 33.67 -72.32 -1.71
C PRO B 635 33.02 -71.59 -2.87
N THR B 636 31.72 -71.80 -3.03
CA THR B 636 31.00 -71.10 -4.08
C THR B 636 30.20 -70.03 -3.34
N ILE B 637 30.13 -68.84 -3.92
CA ILE B 637 29.44 -67.70 -3.33
C ILE B 637 28.21 -67.24 -4.13
N ILE B 638 27.09 -67.07 -3.44
CA ILE B 638 25.86 -66.58 -4.04
C ILE B 638 25.71 -65.20 -3.40
N HIS B 639 25.92 -64.16 -4.20
CA HIS B 639 25.90 -62.78 -3.75
C HIS B 639 24.61 -62.04 -4.06
N PHE B 640 23.73 -61.89 -3.06
CA PHE B 640 22.48 -61.15 -3.26
C PHE B 640 22.82 -59.68 -3.14
N VAL B 641 22.10 -58.85 -3.89
CA VAL B 641 22.36 -57.41 -3.85
C VAL B 641 21.09 -56.65 -3.50
N LEU B 642 21.26 -55.46 -2.95
CA LEU B 642 20.11 -54.63 -2.59
C LEU B 642 19.66 -53.89 -3.85
N ALA B 643 18.55 -54.36 -4.43
CA ALA B 643 18.00 -53.77 -5.65
C ALA B 643 16.56 -54.20 -5.80
N ASN B 644 15.73 -53.35 -6.40
CA ASN B 644 14.32 -53.66 -6.60
C ASN B 644 14.09 -54.72 -7.68
N ILE B 645 14.09 -54.28 -8.94
CA ILE B 645 13.90 -55.17 -10.08
C ILE B 645 12.53 -55.87 -10.14
N ASN B 646 12.53 -57.21 -10.20
CA ASN B 646 11.30 -58.01 -10.27
C ASN B 646 10.21 -57.63 -9.28
N PHE B 647 10.60 -57.30 -8.05
CA PHE B 647 9.64 -56.90 -7.00
C PHE B 647 8.64 -55.84 -7.49
N ARG B 648 9.10 -54.95 -8.36
CA ARG B 648 8.28 -53.87 -8.93
C ARG B 648 7.02 -54.39 -9.64
N LYS B 649 7.07 -55.63 -10.10
CA LYS B 649 5.95 -56.22 -10.82
C LYS B 649 5.40 -57.48 -10.18
N TYR B 650 5.91 -57.84 -9.00
CA TYR B 650 5.44 -59.03 -8.31
C TYR B 650 5.35 -58.82 -6.80
N ALA B 652 4.86 -61.43 -4.79
CA ALA B 652 5.35 -62.80 -4.69
C ALA B 652 5.97 -63.29 -6.00
N PRO B 653 6.91 -64.24 -5.93
CA PRO B 653 7.57 -64.76 -7.14
C PRO B 653 6.64 -65.66 -7.95
N GLY B 654 6.50 -65.35 -9.23
CA GLY B 654 5.62 -66.12 -10.09
C GLY B 654 4.23 -65.54 -10.12
N VAL B 655 3.95 -64.64 -9.18
CA VAL B 655 2.64 -64.00 -9.08
C VAL B 655 2.77 -62.49 -9.34
N PRO B 656 2.23 -62.01 -10.46
CA PRO B 656 2.28 -60.59 -10.84
C PRO B 656 1.36 -59.66 -10.05
N ARG B 657 1.64 -58.36 -10.11
CA ARG B 657 0.83 -57.35 -9.44
C ARG B 657 -0.16 -56.83 -10.48
N GLU B 658 -1.44 -56.69 -10.11
CA GLU B 658 -2.46 -56.24 -11.07
C GLU B 658 -3.44 -55.12 -10.67
N THR B 659 -2.98 -54.13 -9.90
CA THR B 659 -3.85 -53.02 -9.51
C THR B 659 -3.03 -51.76 -9.26
N GLU B 660 -2.98 -50.89 -10.26
CA GLU B 660 -2.24 -49.63 -10.19
C GLU B 660 -1.63 -49.32 -8.83
N GLU B 661 -2.49 -49.11 -7.82
CA GLU B 661 -2.05 -48.80 -6.46
C GLU B 661 -1.09 -49.83 -5.86
N GLU B 662 -1.30 -51.11 -6.17
CA GLU B 662 -0.48 -52.20 -5.68
C GLU B 662 0.87 -52.25 -6.41
N LYS B 663 1.18 -51.18 -7.13
CA LYS B 663 2.43 -51.08 -7.85
C LYS B 663 3.18 -49.85 -7.36
N GLU B 664 2.44 -48.93 -6.74
CA GLU B 664 3.03 -47.71 -6.21
C GLU B 664 3.78 -48.04 -4.92
N ILE B 665 3.41 -49.16 -4.29
CA ILE B 665 4.05 -49.61 -3.07
C ILE B 665 5.47 -50.11 -3.39
N ALA B 666 5.57 -50.86 -4.48
CA ALA B 666 6.85 -51.41 -4.93
C ALA B 666 7.55 -50.43 -5.87
N ASP B 667 6.96 -49.25 -6.05
CA ASP B 667 7.52 -48.24 -6.94
C ASP B 667 8.35 -47.25 -6.15
N PHE B 668 9.63 -47.55 -5.97
CA PHE B 668 10.51 -46.67 -5.21
C PHE B 668 11.98 -46.93 -5.48
N ASP B 669 12.81 -45.97 -5.11
CA ASP B 669 14.25 -46.09 -5.27
C ASP B 669 14.92 -46.19 -3.91
N ILE B 670 16.09 -46.82 -3.86
CA ILE B 670 16.82 -46.99 -2.62
C ILE B 670 17.92 -45.95 -2.45
N PHE B 671 18.82 -45.87 -3.43
CA PHE B 671 19.92 -44.91 -3.34
C PHE B 671 19.77 -43.69 -4.24
N ASP B 672 18.60 -43.53 -4.86
CA ASP B 672 18.38 -42.38 -5.74
C ASP B 672 17.47 -41.31 -5.15
N ASP B 673 16.35 -41.71 -4.55
CA ASP B 673 15.41 -40.74 -3.96
C ASP B 673 16.10 -39.80 -2.99
N PRO B 674 15.94 -38.49 -3.21
CA PRO B 674 16.58 -37.50 -2.31
C PRO B 674 16.25 -37.80 -0.86
N GLU B 675 17.22 -37.54 0.02
CA GLU B 675 17.10 -37.79 1.46
C GLU B 675 17.13 -39.30 1.70
N SER B 676 16.19 -40.01 1.07
CA SER B 676 16.06 -41.45 1.18
C SER B 676 16.11 -41.97 2.60
N PRO B 677 15.04 -42.64 3.03
CA PRO B 677 14.94 -43.21 4.38
C PRO B 677 15.94 -44.36 4.57
N PHE B 678 16.51 -44.83 3.47
CA PHE B 678 17.44 -45.94 3.53
C PHE B 678 18.91 -45.52 3.58
N SER B 679 19.15 -44.27 3.91
CA SER B 679 20.52 -43.81 4.02
C SER B 679 21.12 -44.45 5.28
N THR B 680 22.39 -44.83 5.22
CA THR B 680 23.05 -45.48 6.35
C THR B 680 22.93 -44.69 7.65
N PHE B 681 23.13 -43.38 7.57
CA PHE B 681 23.04 -42.51 8.74
C PHE B 681 21.66 -42.41 9.35
N ASN B 682 20.65 -42.92 8.67
CA ASN B 682 19.29 -42.79 9.18
C ASN B 682 18.77 -43.89 10.09
N PHE B 683 18.25 -43.50 11.25
CA PHE B 683 17.71 -44.47 12.20
C PHE B 683 16.20 -44.45 12.34
N GLN B 684 15.51 -43.63 11.57
CA GLN B 684 14.05 -43.61 11.68
C GLN B 684 13.36 -44.23 10.48
N TYR B 685 12.71 -45.37 10.71
CA TYR B 685 12.01 -46.08 9.66
C TYR B 685 10.49 -46.16 9.88
N PRO B 686 9.72 -45.39 9.10
CA PRO B 686 8.25 -45.39 9.22
C PRO B 686 7.72 -46.65 8.55
N ASN B 687 6.62 -47.21 9.06
CA ASN B 687 6.03 -48.43 8.49
C ASN B 687 6.18 -48.52 6.96
N GLN B 688 6.04 -47.38 6.30
CA GLN B 688 6.17 -47.31 4.85
C GLN B 688 7.54 -47.80 4.43
N ALA B 689 8.56 -47.06 4.84
CA ALA B 689 9.95 -47.39 4.53
C ALA B 689 10.28 -48.82 4.98
N PHE B 690 9.86 -49.17 6.18
CA PHE B 690 10.14 -50.51 6.69
C PHE B 690 9.56 -51.60 5.81
N LYS B 691 8.24 -51.59 5.66
CA LYS B 691 7.57 -52.60 4.83
C LYS B 691 8.23 -52.74 3.46
N ARG B 692 8.66 -51.62 2.90
CA ARG B 692 9.29 -51.65 1.58
C ARG B 692 10.56 -52.50 1.57
N LEU B 693 11.53 -52.10 2.38
CA LEU B 693 12.79 -52.82 2.45
C LEU B 693 12.58 -54.25 2.90
N HIS B 694 11.79 -54.43 3.94
CA HIS B 694 11.51 -55.77 4.44
C HIS B 694 10.96 -56.67 3.32
N ASP B 695 9.87 -56.25 2.68
CA ASP B 695 9.27 -57.04 1.60
C ASP B 695 10.17 -57.22 0.38
N LEU B 696 10.87 -56.17 -0.03
CA LEU B 696 11.77 -56.26 -1.17
C LEU B 696 12.76 -57.43 -1.00
N MET B 697 13.54 -57.39 0.08
CA MET B 697 14.52 -58.42 0.36
C MET B 697 13.91 -59.78 0.64
N HIS B 698 12.65 -59.79 1.09
CA HIS B 698 11.96 -61.05 1.35
C HIS B 698 11.61 -61.65 0.00
N PHE B 699 11.32 -60.78 -0.96
CA PHE B 699 10.98 -61.23 -2.29
C PHE B 699 12.23 -61.79 -2.97
N ASN B 700 13.21 -60.94 -3.21
CA ASN B 700 14.45 -61.35 -3.86
C ASN B 700 14.94 -62.73 -3.37
N THR B 701 14.88 -62.97 -2.07
CA THR B 701 15.32 -64.24 -1.52
C THR B 701 14.45 -65.42 -1.99
N LEU B 702 13.14 -65.26 -1.83
CA LEU B 702 12.19 -66.29 -2.22
C LEU B 702 12.15 -66.46 -3.75
N ASN B 703 12.47 -65.38 -4.47
CA ASN B 703 12.45 -65.37 -5.92
C ASN B 703 13.72 -65.98 -6.53
N ASN B 704 14.64 -66.45 -5.68
CA ASN B 704 15.87 -67.04 -6.17
C ASN B 704 16.27 -68.32 -5.46
N ILE B 705 15.30 -68.96 -4.85
CA ILE B 705 15.55 -70.22 -4.14
C ILE B 705 16.14 -71.23 -5.12
N ASP B 706 15.78 -71.06 -6.38
CA ASP B 706 16.25 -71.90 -7.48
C ASP B 706 17.79 -71.90 -7.56
N VAL B 707 18.37 -70.70 -7.52
CA VAL B 707 19.82 -70.53 -7.56
C VAL B 707 20.48 -71.27 -6.40
N ILE B 708 19.97 -71.02 -5.19
CA ILE B 708 20.51 -71.65 -3.99
C ILE B 708 20.40 -73.17 -4.09
N LYS B 709 19.30 -73.68 -4.64
CA LYS B 709 19.13 -75.12 -4.77
C LYS B 709 20.22 -75.74 -5.64
N GLU B 710 20.50 -75.12 -6.77
CA GLU B 710 21.51 -75.61 -7.70
C GLU B 710 22.90 -75.64 -7.08
N ALA B 711 23.21 -74.58 -6.33
CA ALA B 711 24.50 -74.46 -5.66
C ALA B 711 24.69 -75.60 -4.68
N MET B 712 23.61 -76.00 -4.01
CA MET B 712 23.66 -77.10 -3.05
C MET B 712 23.88 -78.40 -3.81
N VAL B 713 23.09 -78.60 -4.87
CA VAL B 713 23.20 -79.81 -5.68
C VAL B 713 24.64 -79.88 -6.18
N GLU B 714 25.10 -78.80 -6.78
CA GLU B 714 26.48 -78.78 -7.26
C GLU B 714 27.42 -79.09 -6.10
N SER B 715 27.26 -78.35 -4.99
CA SER B 715 28.09 -78.56 -3.82
C SER B 715 28.12 -80.02 -3.42
N ILE B 716 26.99 -80.71 -3.57
CA ILE B 716 26.96 -82.14 -3.25
C ILE B 716 27.91 -82.84 -4.22
N GLU B 717 29.05 -83.27 -3.69
CA GLU B 717 30.10 -83.94 -4.47
C GLU B 717 31.35 -84.12 -3.61
#